data_9DO2
#
_entry.id   9DO2
#
_cell.length_a   1.00
_cell.length_b   1.00
_cell.length_c   1.00
_cell.angle_alpha   90.00
_cell.angle_beta   90.00
_cell.angle_gamma   90.00
#
_symmetry.space_group_name_H-M   'P 1'
#
loop_
_entity.id
_entity.type
_entity.pdbx_description
1 polymer 'Fab-1664 heavy chain'
2 polymer 'Fab-1664 light chain'
3 polymer Hemagglutinin
4 branched 2-acetamido-2-deoxy-beta-D-glucopyranose-(1-4)-2-acetamido-2-deoxy-beta-D-glucopyranose
5 branched beta-D-mannopyranose-(1-4)-2-acetamido-2-deoxy-beta-D-glucopyranose-(1-4)-2-acetamido-2-deoxy-beta-D-glucopyranose
6 branched alpha-D-mannopyranose-(1-2)-alpha-D-mannopyranose-(1-2)-alpha-D-mannopyranose-(1-3)-[alpha-D-mannopyranose-(1-6)]beta-D-mannopyranose-(1-4)-2-acetamido-2-deoxy-beta-D-glucopyranose-(1-4)-2-acetamido-2-deoxy-beta-D-glucopyranose
7 non-polymer 2-acetamido-2-deoxy-beta-D-glucopyranose
#
loop_
_entity_poly.entity_id
_entity_poly.type
_entity_poly.pdbx_seq_one_letter_code
_entity_poly.pdbx_strand_id
1 'polypeptide(L)'
;EVQVMQSGAEARMTGATVKISCKASGYTFSDYFLHWVKQAPGKGLEWMGLVDVDNGEVRYAEKFQGRVTITADTSTETAY
LEMTTVTSGDTAVYYCASTTPRGGNPSVYNYFFVDVWGKGTTVTVSS
;
H
2 'polypeptide(L)'
;QPVLTQSSSASASLGSSVKLTCTLSSGHDNYIIAWHQQQPGKAPRYLMQVGAGGTYNKGSGVPHRFSGSSSGADRYLTIS
NLQSDDEADYYCETWDSKTVFGGGTTLTVL
;
L
3 'polypeptide(L)'
;MKTIIALSYILCLVFAQKIPGNDNSTATLCLGHHAVPNGTIVKTITNDRIEVTNATELVQNSSIGEICDSPHQILDGENC
TLIDALLGDPQCDGFQNKKWDLFVERSKAYSNCYPYDVPDYASLRSLVASSGTLEFKNESFNWTGVTQNGTSSACIRGSS
SSFFSRLNWLTHLNYTYPALNVTMPNNEQFDKLYIWGVHHPGTDKDQIFLYAQSSGRITVSTKRSQQAVIPNIGSRPRIR
DIPSRISIYWTIVKPGDILLINSTGNLIAPRGYFKIRSGKSSIMRSDAPIGKCKSECITPNGSIPNDKPFQNVNRITYGA
CPRYVKQSTLKLATGMRNVPEKQTRGIFGAIAGFIENGWEGMVDGWYGFRHQNSEGRGQAADLKSTQAAIDQINGKLNRL
IGKTNEKFHQIEKEFSEVEGRIQDLEKYVEDTKIDLWSYNAELLVALENQHTIDLTDSEMNKLFEKTKKQLRENAEDMGN
GCFKIYHKCDNACIGSIRNGTYDHNVYRDEALNNRFQIKGVEGYIPEAPRDGQAYVRKDGEWVLLSTFLGSGLNDIFEAQ
KIEWHEGHHHHHH
;
A,B,C
#
# COMPACT_ATOMS: atom_id res chain seq x y z
N VAL A 2 21.02 0.67 29.83
CA VAL A 2 22.12 -0.15 29.30
C VAL A 2 23.32 -0.01 30.21
N GLN A 3 24.16 -1.05 30.24
CA GLN A 3 25.36 -1.05 31.08
C GLN A 3 26.53 -1.62 30.28
N VAL A 4 27.70 -1.03 30.47
CA VAL A 4 28.95 -1.53 29.89
C VAL A 4 29.98 -1.63 31.00
N MET A 5 30.59 -2.80 31.15
CA MET A 5 31.59 -3.03 32.18
C MET A 5 32.79 -3.73 31.57
N GLN A 6 33.95 -3.51 32.18
CA GLN A 6 35.21 -4.05 31.70
C GLN A 6 35.78 -5.05 32.70
N SER A 7 36.61 -5.96 32.18
CA SER A 7 37.22 -6.99 33.02
C SER A 7 38.40 -6.40 33.80
N GLY A 8 38.48 -6.77 35.08
CA GLY A 8 39.56 -6.30 35.93
C GLY A 8 40.94 -6.64 35.42
N ALA A 9 41.82 -5.64 35.39
CA ALA A 9 43.16 -5.82 34.85
C ALA A 9 44.14 -6.25 35.93
N GLU A 10 45.35 -6.57 35.50
CA GLU A 10 46.42 -6.97 36.41
C GLU A 10 47.74 -6.46 35.86
N ALA A 11 48.72 -6.32 36.74
CA ALA A 11 50.03 -5.84 36.34
C ALA A 11 50.72 -6.84 35.43
N ARG A 12 51.44 -6.33 34.44
CA ARG A 12 52.22 -7.15 33.52
C ARG A 12 53.65 -6.63 33.46
N MET A 13 54.54 -7.44 32.93
CA MET A 13 55.95 -7.09 32.80
C MET A 13 56.24 -6.64 31.37
N THR A 14 57.33 -5.87 31.23
CA THR A 14 57.72 -5.36 29.92
C THR A 14 58.07 -6.52 28.99
N GLY A 15 57.53 -6.47 27.77
CA GLY A 15 57.72 -7.52 26.80
C GLY A 15 56.67 -8.61 26.82
N ALA A 16 55.77 -8.61 27.79
CA ALA A 16 54.72 -9.61 27.90
C ALA A 16 53.51 -9.18 27.07
N THR A 17 52.38 -9.86 27.27
CA THR A 17 51.15 -9.57 26.55
C THR A 17 50.02 -9.31 27.55
N VAL A 18 49.06 -8.49 27.13
CA VAL A 18 47.94 -8.10 27.98
C VAL A 18 46.64 -8.37 27.23
N LYS A 19 45.57 -8.57 27.98
CA LYS A 19 44.25 -8.84 27.43
C LYS A 19 43.19 -8.05 28.20
N ILE A 20 42.25 -7.46 27.47
CA ILE A 20 41.18 -6.68 28.06
C ILE A 20 39.86 -7.15 27.46
N SER A 21 38.84 -7.30 28.30
CA SER A 21 37.53 -7.80 27.89
C SER A 21 36.46 -6.75 28.17
N CYS A 22 35.50 -6.65 27.25
CA CYS A 22 34.37 -5.76 27.41
C CYS A 22 33.10 -6.44 26.92
N LYS A 23 31.97 -6.00 27.46
CA LYS A 23 30.67 -6.51 27.04
C LYS A 23 29.60 -5.56 27.57
N ALA A 24 28.62 -5.24 26.72
CA ALA A 24 27.52 -4.38 27.13
C ALA A 24 26.23 -5.16 27.31
N SER A 25 25.77 -5.85 26.26
CA SER A 25 24.67 -6.81 26.27
C SER A 25 23.31 -6.18 26.55
N GLY A 26 23.26 -4.88 26.86
CA GLY A 26 21.99 -4.27 27.22
C GLY A 26 21.12 -3.93 26.03
N TYR A 27 21.73 -3.65 24.89
CA TYR A 27 20.97 -3.32 23.69
C TYR A 27 20.33 -4.57 23.11
N THR A 28 19.06 -4.44 22.71
CA THR A 28 18.31 -5.58 22.18
C THR A 28 18.44 -5.73 20.67
N PHE A 29 19.66 -5.72 20.15
CA PHE A 29 19.87 -6.01 18.74
C PHE A 29 21.10 -6.85 18.44
N SER A 30 22.11 -6.86 19.33
CA SER A 30 23.37 -7.55 19.07
C SER A 30 23.95 -7.14 17.71
N ASP A 31 23.85 -5.85 17.41
CA ASP A 31 24.29 -5.32 16.13
C ASP A 31 25.00 -3.99 16.31
N TYR A 32 25.60 -3.77 17.47
CA TYR A 32 26.14 -2.49 17.86
C TYR A 32 27.67 -2.51 17.82
N PHE A 33 28.25 -1.32 17.68
CA PHE A 33 29.70 -1.18 17.65
C PHE A 33 30.25 -0.92 19.05
N LEU A 34 31.49 -1.33 19.25
CA LEU A 34 32.23 -1.14 20.49
C LEU A 34 33.58 -0.53 20.15
N HIS A 35 33.87 0.65 20.68
CA HIS A 35 35.10 1.33 20.33
C HIS A 35 36.24 0.90 21.26
N TRP A 36 37.45 1.30 20.90
CA TRP A 36 38.62 1.17 21.77
C TRP A 36 39.38 2.49 21.72
N VAL A 37 39.59 3.09 22.88
CA VAL A 37 40.26 4.38 22.98
C VAL A 37 41.35 4.27 24.03
N LYS A 38 42.57 4.66 23.66
CA LYS A 38 43.70 4.69 24.57
C LYS A 38 43.77 6.04 25.27
N GLN A 39 44.07 6.02 26.57
CA GLN A 39 44.31 7.26 27.29
C GLN A 39 45.40 7.02 28.33
N ALA A 40 46.59 7.53 28.06
CA ALA A 40 47.61 7.61 29.09
C ALA A 40 47.30 8.76 30.03
N PRO A 41 47.64 8.63 31.31
CA PRO A 41 47.43 9.76 32.24
C PRO A 41 48.23 10.98 31.78
N GLY A 42 47.56 12.13 31.79
CA GLY A 42 48.14 13.34 31.27
C GLY A 42 47.93 13.56 29.78
N LYS A 43 47.38 12.58 29.07
CA LYS A 43 47.11 12.68 27.65
C LYS A 43 45.62 12.78 27.40
N GLY A 44 45.27 13.01 26.14
CA GLY A 44 43.88 13.03 25.71
C GLY A 44 43.43 11.69 25.18
N LEU A 45 42.19 11.67 24.68
CA LEU A 45 41.64 10.46 24.10
C LEU A 45 42.19 10.25 22.69
N GLU A 46 42.67 9.03 22.41
CA GLU A 46 43.22 8.69 21.11
C GLU A 46 42.53 7.42 20.62
N TRP A 47 41.93 7.50 19.43
CA TRP A 47 41.24 6.35 18.88
C TRP A 47 42.23 5.32 18.34
N MET A 48 41.87 4.06 18.46
CA MET A 48 42.74 2.99 18.00
C MET A 48 41.99 1.97 17.16
N GLY A 49 40.68 1.88 17.34
CA GLY A 49 39.90 0.90 16.60
C GLY A 49 38.44 0.81 16.98
N LEU A 50 37.64 0.25 16.10
CA LEU A 50 36.20 0.11 16.28
C LEU A 50 35.81 -1.30 15.89
N VAL A 51 35.02 -1.97 16.73
CA VAL A 51 34.68 -3.37 16.54
C VAL A 51 33.18 -3.48 16.29
N ASP A 52 32.81 -4.29 15.30
CA ASP A 52 31.42 -4.62 15.04
C ASP A 52 31.17 -5.98 15.69
N VAL A 53 30.43 -5.98 16.80
CA VAL A 53 30.19 -7.21 17.55
C VAL A 53 29.37 -8.20 16.72
N ASP A 54 28.54 -7.70 15.81
CA ASP A 54 27.64 -8.58 15.06
C ASP A 54 28.39 -9.40 14.02
N ASN A 55 29.50 -8.89 13.50
CA ASN A 55 30.19 -9.53 12.39
C ASN A 55 31.70 -9.44 12.64
N GLY A 56 32.49 -9.66 11.61
CA GLY A 56 33.94 -9.62 11.71
C GLY A 56 34.59 -8.30 11.40
N GLU A 57 33.84 -7.21 11.36
CA GLU A 57 34.41 -5.91 11.05
C GLU A 57 35.22 -5.39 12.22
N VAL A 58 36.52 -5.15 11.99
CA VAL A 58 37.40 -4.52 12.96
C VAL A 58 38.11 -3.37 12.26
N ARG A 59 38.06 -2.20 12.86
CA ARG A 59 38.66 -0.99 12.30
C ARG A 59 39.91 -0.62 13.10
N TYR A 60 40.66 0.34 12.57
CA TYR A 60 41.93 0.74 13.15
C TYR A 60 42.19 2.21 12.85
N ALA A 61 43.10 2.80 13.62
CA ALA A 61 43.63 4.12 13.34
C ALA A 61 45.00 4.00 12.69
N GLU A 62 45.54 5.15 12.26
CA GLU A 62 46.81 5.13 11.56
C GLU A 62 47.97 4.76 12.48
N LYS A 63 47.91 5.16 13.75
CA LYS A 63 48.99 4.89 14.69
C LYS A 63 48.86 3.54 15.39
N PHE A 64 47.78 2.81 15.18
CA PHE A 64 47.59 1.50 15.79
C PHE A 64 47.38 0.37 14.80
N GLN A 65 47.44 0.65 13.51
CA GLN A 65 47.31 -0.41 12.51
C GLN A 65 48.50 -1.36 12.57
N GLY A 66 48.22 -2.65 12.51
CA GLY A 66 49.28 -3.66 12.51
C GLY A 66 49.84 -4.05 13.86
N ARG A 67 50.28 -3.07 14.67
CA ARG A 67 50.89 -3.38 15.95
C ARG A 67 49.87 -3.96 16.93
N VAL A 68 48.61 -3.59 16.80
CA VAL A 68 47.56 -3.97 17.75
C VAL A 68 46.52 -4.81 17.01
N THR A 69 46.16 -5.95 17.60
CA THR A 69 45.12 -6.82 17.07
C THR A 69 43.94 -6.84 18.03
N ILE A 70 42.73 -6.69 17.47
CA ILE A 70 41.50 -6.59 18.24
C ILE A 70 40.54 -7.65 17.74
N THR A 71 39.87 -8.34 18.67
CA THR A 71 38.94 -9.40 18.31
C THR A 71 37.63 -9.22 19.08
N ALA A 72 36.64 -10.02 18.71
CA ALA A 72 35.37 -10.01 19.43
C ALA A 72 34.67 -11.34 19.21
N ASP A 73 34.34 -12.02 20.30
CA ASP A 73 33.57 -13.26 20.24
C ASP A 73 32.11 -12.89 20.08
N THR A 74 31.58 -13.08 18.88
CA THR A 74 30.19 -12.71 18.61
C THR A 74 29.20 -13.67 19.25
N SER A 75 29.60 -14.93 19.42
CA SER A 75 28.68 -15.92 19.99
C SER A 75 28.29 -15.55 21.41
N THR A 76 29.25 -15.15 22.23
CA THR A 76 28.97 -14.68 23.58
C THR A 76 28.82 -13.17 23.64
N GLU A 77 29.05 -12.47 22.52
CA GLU A 77 28.86 -11.02 22.42
C GLU A 77 29.77 -10.28 23.40
N THR A 78 31.08 -10.50 23.24
CA THR A 78 32.10 -9.81 24.01
C THR A 78 33.20 -9.37 23.06
N ALA A 79 33.97 -8.37 23.50
CA ALA A 79 35.07 -7.83 22.72
C ALA A 79 36.37 -7.92 23.50
N TYR A 80 37.42 -8.38 22.84
CA TYR A 80 38.73 -8.56 23.47
C TYR A 80 39.77 -7.72 22.74
N LEU A 81 40.74 -7.23 23.52
CA LEU A 81 41.83 -6.42 23.00
C LEU A 81 43.12 -6.95 23.58
N GLU A 82 44.05 -7.33 22.71
CA GLU A 82 45.34 -7.86 23.14
C GLU A 82 46.44 -7.19 22.33
N MET A 83 47.62 -7.09 22.95
CA MET A 83 48.76 -6.42 22.36
C MET A 83 50.00 -7.31 22.49
N THR A 84 50.94 -7.11 21.58
CA THR A 84 52.19 -7.86 21.58
C THR A 84 53.31 -6.97 22.11
N THR A 85 54.23 -7.58 22.86
CA THR A 85 55.40 -6.93 23.47
C THR A 85 55.05 -5.53 24.00
N VAL A 86 54.13 -5.52 24.97
CA VAL A 86 53.71 -4.26 25.58
C VAL A 86 54.91 -3.58 26.25
N THR A 87 54.99 -2.27 26.13
CA THR A 87 56.07 -1.49 26.68
C THR A 87 55.65 -0.87 28.02
N SER A 88 56.64 -0.26 28.69
CA SER A 88 56.36 0.41 29.96
C SER A 88 55.53 1.67 29.78
N GLY A 89 55.54 2.27 28.59
CA GLY A 89 54.77 3.46 28.32
C GLY A 89 53.29 3.24 28.08
N ASP A 90 52.87 1.98 27.92
CA ASP A 90 51.48 1.65 27.69
C ASP A 90 50.66 1.51 28.98
N THR A 91 51.22 1.94 30.11
CA THR A 91 50.47 1.98 31.37
C THR A 91 49.41 3.06 31.26
N ALA A 92 48.16 2.67 31.05
CA ALA A 92 47.12 3.63 30.69
C ALA A 92 45.76 2.99 30.91
N VAL A 93 44.72 3.67 30.46
CA VAL A 93 43.35 3.15 30.50
C VAL A 93 42.84 2.98 29.08
N TYR A 94 42.30 1.80 28.78
CA TYR A 94 41.66 1.52 27.50
C TYR A 94 40.15 1.52 27.72
N TYR A 95 39.45 2.36 26.98
CA TYR A 95 38.02 2.56 27.14
C TYR A 95 37.28 1.92 25.98
N CYS A 96 36.22 1.18 26.30
CA CYS A 96 35.33 0.61 25.30
C CYS A 96 33.98 1.29 25.43
N ALA A 97 33.49 1.86 24.34
CA ALA A 97 32.26 2.63 24.32
C ALA A 97 31.28 1.97 23.37
N SER A 98 30.05 1.78 23.84
CA SER A 98 29.02 1.14 23.03
C SER A 98 28.28 2.20 22.21
N THR A 99 27.99 1.86 20.96
CA THR A 99 27.27 2.76 20.07
C THR A 99 25.79 2.43 20.06
N THR A 100 25.02 3.24 19.34
CA THR A 100 23.60 2.95 19.13
C THR A 100 23.45 1.74 18.22
N PRO A 101 22.68 0.72 18.61
CA PRO A 101 22.53 -0.45 17.74
C PRO A 101 21.98 -0.07 16.38
N ARG A 102 22.55 -0.68 15.35
CA ARG A 102 22.16 -0.34 13.99
C ARG A 102 20.72 -0.77 13.70
N GLY A 103 20.39 -2.03 14.00
CA GLY A 103 19.07 -2.55 13.73
C GLY A 103 18.73 -2.66 12.26
N GLY A 104 19.70 -3.04 11.43
CA GLY A 104 19.48 -3.21 10.02
C GLY A 104 19.70 -1.96 9.18
N ASN A 105 19.88 -0.79 9.80
CA ASN A 105 20.11 0.43 9.06
C ASN A 105 21.50 0.42 8.44
N PRO A 106 21.72 1.20 7.38
CA PRO A 106 22.94 1.03 6.57
C PRO A 106 24.20 1.67 7.13
N SER A 107 24.20 2.00 8.43
CA SER A 107 25.37 2.52 9.14
C SER A 107 25.93 3.78 8.47
N VAL A 108 25.12 4.83 8.53
CA VAL A 108 25.52 6.15 8.06
C VAL A 108 26.44 6.79 9.09
N TYR A 109 27.03 7.94 8.73
CA TYR A 109 27.91 8.71 9.61
C TYR A 109 27.49 8.70 11.06
N ASN A 110 26.19 8.90 11.32
CA ASN A 110 25.73 9.10 12.70
C ASN A 110 25.83 7.83 13.53
N TYR A 111 25.69 6.65 12.91
CA TYR A 111 25.59 5.42 13.67
C TYR A 111 26.89 4.99 14.34
N PHE A 112 28.02 5.63 14.02
CA PHE A 112 29.30 5.26 14.59
C PHE A 112 29.64 6.07 15.84
N PHE A 113 28.73 6.94 16.29
CA PHE A 113 28.96 7.72 17.49
C PHE A 113 28.90 6.85 18.74
N VAL A 114 29.65 7.25 19.74
CA VAL A 114 29.62 6.60 21.05
C VAL A 114 28.54 7.26 21.89
N ASP A 115 27.91 6.47 22.76
CA ASP A 115 26.92 7.03 23.68
C ASP A 115 27.00 6.52 25.11
N VAL A 116 27.72 5.42 25.39
CA VAL A 116 27.91 4.92 26.75
C VAL A 116 29.35 4.45 26.88
N TRP A 117 30.00 4.87 27.97
CA TRP A 117 31.40 4.55 28.22
C TRP A 117 31.52 3.42 29.22
N GLY A 118 32.59 2.63 29.06
CA GLY A 118 32.88 1.60 30.03
C GLY A 118 33.39 2.17 31.34
N LYS A 119 33.40 1.31 32.36
CA LYS A 119 33.83 1.75 33.69
C LYS A 119 35.31 2.13 33.71
N GLY A 120 36.12 1.53 32.84
CA GLY A 120 37.52 1.85 32.77
C GLY A 120 38.41 0.93 33.57
N THR A 121 39.49 0.45 32.96
CA THR A 121 40.44 -0.43 33.62
C THR A 121 41.86 0.08 33.41
N THR A 122 42.70 -0.11 34.42
CA THR A 122 44.05 0.43 34.43
C THR A 122 45.04 -0.69 34.12
N VAL A 123 45.75 -0.56 33.00
CA VAL A 123 46.81 -1.50 32.64
C VAL A 123 48.15 -0.89 33.05
N THR A 124 48.90 -1.61 33.86
CA THR A 124 50.18 -1.13 34.36
C THR A 124 51.27 -2.14 33.99
N VAL A 125 52.41 -1.62 33.54
CA VAL A 125 53.54 -2.43 33.13
C VAL A 125 54.73 -2.06 33.99
N SER A 126 55.34 -3.05 34.64
CA SER A 126 56.49 -2.84 35.49
C SER A 126 57.79 -3.05 34.71
N SER A 127 58.88 -2.54 35.27
CA SER A 127 60.18 -2.66 34.62
C SER A 127 60.72 -4.08 34.74
N LEU B 4 36.74 19.08 15.45
CA LEU B 4 38.01 18.59 14.94
C LEU B 4 39.17 19.12 15.77
N THR B 5 39.41 20.43 15.68
CA THR B 5 40.46 21.05 16.47
C THR B 5 40.01 21.23 17.92
N GLN B 6 41.00 21.28 18.82
CA GLN B 6 40.73 21.39 20.25
C GLN B 6 40.46 22.84 20.62
N SER B 7 40.39 23.11 21.92
CA SER B 7 40.19 24.46 22.43
C SER B 7 40.86 24.58 23.79
N SER B 8 41.13 25.82 24.19
CA SER B 8 41.85 26.08 25.42
C SER B 8 40.97 25.79 26.64
N SER B 9 41.63 25.65 27.79
CA SER B 9 40.94 25.39 29.04
C SER B 9 40.16 26.63 29.49
N ALA B 10 39.18 26.40 30.35
CA ALA B 10 38.29 27.46 30.79
C ALA B 10 38.13 27.44 32.31
N SER B 11 37.84 28.62 32.86
CA SER B 11 37.57 28.76 34.28
C SER B 11 36.56 29.88 34.49
N ALA B 12 35.78 29.76 35.56
CA ALA B 12 34.77 30.76 35.89
C ALA B 12 34.40 30.61 37.35
N SER B 13 33.78 31.66 37.89
CA SER B 13 33.36 31.67 39.28
C SER B 13 32.09 30.86 39.47
N LEU B 14 31.80 30.54 40.72
CA LEU B 14 30.58 29.78 41.03
C LEU B 14 29.35 30.63 40.76
N GLY B 15 28.34 29.99 40.18
CA GLY B 15 27.08 30.67 39.85
C GLY B 15 27.07 31.38 38.52
N SER B 16 28.17 31.39 37.78
CA SER B 16 28.24 32.06 36.50
C SER B 16 27.90 31.08 35.38
N SER B 17 28.19 31.47 34.14
CA SER B 17 27.96 30.64 32.97
C SER B 17 29.25 30.55 32.16
N VAL B 18 29.47 29.39 31.53
CA VAL B 18 30.67 29.13 30.76
C VAL B 18 30.30 28.49 29.43
N LYS B 19 31.22 28.57 28.48
CA LYS B 19 31.02 28.01 27.15
C LYS B 19 32.29 27.31 26.69
N LEU B 20 32.11 26.33 25.80
CA LEU B 20 33.21 25.58 25.21
C LEU B 20 33.00 25.52 23.70
N THR B 21 34.10 25.30 22.98
CA THR B 21 34.08 25.38 21.52
C THR B 21 34.80 24.18 20.93
N CYS B 22 34.39 23.80 19.73
CA CYS B 22 35.06 22.75 18.95
C CYS B 22 34.79 23.04 17.49
N THR B 23 35.86 23.20 16.70
CA THR B 23 35.74 23.78 15.36
C THR B 23 36.19 22.78 14.30
N LEU B 24 35.58 22.88 13.13
CA LEU B 24 35.90 22.04 11.98
C LEU B 24 36.96 22.71 11.11
N SER B 25 37.51 21.92 10.19
CA SER B 25 38.44 22.45 9.19
C SER B 25 37.66 23.10 8.06
N SER B 26 38.41 23.74 7.15
CA SER B 26 37.77 24.41 6.02
C SER B 26 37.08 23.42 5.09
N GLY B 27 37.52 22.16 5.09
CA GLY B 27 36.94 21.17 4.20
C GLY B 27 35.59 20.65 4.62
N HIS B 28 35.13 20.94 5.84
CA HIS B 28 33.85 20.47 6.33
C HIS B 28 33.10 21.63 6.97
N ASP B 29 31.80 21.71 6.72
CA ASP B 29 30.99 22.77 7.30
C ASP B 29 29.75 22.21 8.00
N ASN B 30 29.18 21.14 7.46
CA ASN B 30 27.92 20.59 7.97
C ASN B 30 28.11 19.36 8.86
N TYR B 31 29.35 19.03 9.23
CA TYR B 31 29.59 17.83 10.01
C TYR B 31 29.06 17.98 11.44
N ILE B 32 28.50 16.90 11.97
CA ILE B 32 27.93 16.88 13.31
C ILE B 32 29.01 16.43 14.29
N ILE B 33 29.06 17.08 15.46
CA ILE B 33 30.01 16.70 16.49
C ILE B 33 29.24 16.16 17.68
N ALA B 34 29.97 15.55 18.61
CA ALA B 34 29.42 15.11 19.88
C ALA B 34 30.12 15.86 21.02
N TRP B 35 29.66 15.59 22.24
CA TRP B 35 30.27 16.15 23.44
C TRP B 35 30.26 15.07 24.52
N HIS B 36 31.45 14.73 25.00
CA HIS B 36 31.64 13.77 26.06
C HIS B 36 32.31 14.45 27.25
N GLN B 37 32.01 13.98 28.45
CA GLN B 37 32.52 14.54 29.69
C GLN B 37 33.34 13.49 30.42
N GLN B 38 34.47 13.91 31.00
CA GLN B 38 35.36 12.99 31.71
C GLN B 38 35.89 13.67 32.96
N GLN B 39 35.42 13.22 34.12
CA GLN B 39 35.99 13.69 35.37
C GLN B 39 37.35 13.04 35.61
N PRO B 40 38.29 13.77 36.21
CA PRO B 40 39.56 13.15 36.59
C PRO B 40 39.35 12.02 37.58
N GLY B 41 40.09 10.93 37.37
CA GLY B 41 39.90 9.75 38.19
C GLY B 41 38.53 9.13 38.06
N LYS B 42 37.93 9.20 36.87
CA LYS B 42 36.59 8.67 36.66
C LYS B 42 36.44 8.31 35.19
N ALA B 43 35.52 7.39 34.92
CA ALA B 43 35.19 7.03 33.55
C ALA B 43 34.34 8.13 32.92
N PRO B 44 34.42 8.30 31.59
CA PRO B 44 33.67 9.37 30.94
C PRO B 44 32.17 9.13 30.93
N ARG B 45 31.42 10.06 30.32
CA ARG B 45 29.98 9.96 30.21
C ARG B 45 29.53 10.81 29.03
N TYR B 46 28.92 10.18 28.02
CA TYR B 46 28.41 10.89 26.87
C TYR B 46 27.30 11.84 27.29
N LEU B 47 27.28 13.05 26.70
CA LEU B 47 26.33 14.06 27.12
C LEU B 47 25.63 14.81 26.00
N MET B 48 26.19 14.91 24.81
CA MET B 48 25.53 15.77 23.83
C MET B 48 25.91 15.40 22.42
N GLN B 49 25.07 15.82 21.47
CA GLN B 49 25.39 15.81 20.05
C GLN B 49 24.89 17.12 19.45
N VAL B 50 25.72 17.75 18.62
CA VAL B 50 25.43 19.07 18.06
C VAL B 50 25.49 19.01 16.54
N GLY B 51 24.47 19.58 15.90
CA GLY B 51 24.36 19.59 14.46
C GLY B 51 24.68 20.95 13.85
N ALA B 52 24.62 20.98 12.52
CA ALA B 52 25.01 22.18 11.77
C ALA B 52 23.95 23.27 11.83
N GLY B 53 22.68 22.91 11.82
CA GLY B 53 21.63 23.89 11.67
C GLY B 53 21.14 24.53 12.96
N GLY B 54 22.05 24.72 13.92
CA GLY B 54 21.67 25.30 15.19
C GLY B 54 20.76 24.44 16.03
N THR B 55 20.64 23.16 15.70
CA THR B 55 19.78 22.22 16.42
C THR B 55 20.62 21.05 16.90
N TYR B 56 20.36 20.63 18.13
CA TYR B 56 21.16 19.59 18.78
C TYR B 56 20.26 18.43 19.20
N ASN B 57 20.87 17.25 19.29
CA ASN B 57 20.18 16.04 19.72
C ASN B 57 20.69 15.62 21.08
N LYS B 58 19.81 14.98 21.86
CA LYS B 58 20.11 14.59 23.22
C LYS B 58 20.07 13.08 23.36
N GLY B 59 20.90 12.55 24.26
CA GLY B 59 20.84 11.16 24.63
C GLY B 59 19.98 10.93 25.86
N SER B 60 19.84 9.67 26.24
CA SER B 60 19.06 9.32 27.41
C SER B 60 19.86 9.61 28.68
N GLY B 61 19.23 10.31 29.62
CA GLY B 61 19.86 10.65 30.87
C GLY B 61 20.76 11.88 30.86
N VAL B 62 20.89 12.55 29.71
CA VAL B 62 21.70 13.76 29.62
C VAL B 62 21.01 14.87 30.40
N PRO B 63 21.75 15.77 31.03
CA PRO B 63 21.10 16.83 31.82
C PRO B 63 20.56 17.95 30.94
N HIS B 64 19.53 18.61 31.45
CA HIS B 64 19.01 19.82 30.82
C HIS B 64 19.86 21.05 31.11
N ARG B 65 20.83 20.93 32.02
CA ARG B 65 21.68 22.04 32.41
C ARG B 65 22.63 22.45 31.28
N PHE B 66 22.87 21.58 30.31
CA PHE B 66 23.78 21.84 29.21
C PHE B 66 23.00 22.07 27.93
N SER B 67 23.31 23.13 27.21
CA SER B 67 22.65 23.46 25.95
C SER B 67 23.69 23.74 24.88
N GLY B 68 23.47 23.19 23.69
CA GLY B 68 24.42 23.31 22.60
C GLY B 68 24.12 24.50 21.68
N SER B 69 25.04 24.72 20.75
CA SER B 69 24.92 25.81 19.80
C SER B 69 25.81 25.52 18.61
N SER B 70 25.57 26.25 17.52
CA SER B 70 26.42 26.19 16.34
C SER B 70 26.20 27.47 15.54
N SER B 71 27.29 28.03 15.01
CA SER B 71 27.24 29.31 14.30
C SER B 71 28.08 29.24 13.03
N GLY B 72 28.02 28.11 12.33
CA GLY B 72 28.74 27.99 11.07
C GLY B 72 29.61 26.76 11.00
N ALA B 73 30.92 26.96 10.86
CA ALA B 73 31.89 25.87 10.82
C ALA B 73 32.39 25.49 12.21
N ASP B 74 31.72 25.96 13.26
CA ASP B 74 32.12 25.70 14.63
C ASP B 74 30.92 25.28 15.46
N ARG B 75 31.16 24.48 16.50
CA ARG B 75 30.13 24.01 17.39
C ARG B 75 30.47 24.46 18.82
N TYR B 76 29.41 24.74 19.59
CA TYR B 76 29.56 25.31 20.92
C TYR B 76 28.76 24.49 21.92
N LEU B 77 29.22 24.52 23.16
CA LEU B 77 28.49 24.00 24.30
C LEU B 77 28.38 25.13 25.32
N THR B 78 27.27 25.15 26.05
CA THR B 78 26.99 26.20 27.02
C THR B 78 26.48 25.56 28.30
N ILE B 79 27.15 25.83 29.40
CA ILE B 79 26.69 25.40 30.71
C ILE B 79 25.82 26.50 31.30
N SER B 80 24.54 26.20 31.51
CA SER B 80 23.62 27.21 32.01
C SER B 80 24.05 27.72 33.38
N ASN B 81 24.52 26.82 34.24
CA ASN B 81 25.01 27.21 35.55
C ASN B 81 25.94 26.12 36.06
N LEU B 82 27.01 26.51 36.73
CA LEU B 82 27.98 25.58 37.28
C LEU B 82 28.29 25.98 38.72
N GLN B 83 28.28 24.99 39.62
CA GLN B 83 28.54 25.22 41.03
C GLN B 83 29.31 24.03 41.59
N SER B 84 30.01 24.28 42.69
CA SER B 84 30.73 23.25 43.42
C SER B 84 31.75 22.53 42.54
N ASP B 85 32.12 21.30 42.93
CA ASP B 85 33.10 20.51 42.18
C ASP B 85 32.40 19.83 41.00
N ASP B 86 32.12 20.64 39.99
CA ASP B 86 31.45 20.19 38.77
C ASP B 86 32.36 20.14 37.56
N GLU B 87 33.47 20.86 37.58
CA GLU B 87 34.35 20.95 36.41
C GLU B 87 34.99 19.61 36.09
N ALA B 88 35.26 19.40 34.81
CA ALA B 88 35.89 18.18 34.31
C ALA B 88 36.37 18.46 32.90
N ASP B 89 36.83 17.40 32.22
CA ASP B 89 37.26 17.51 30.83
C ASP B 89 36.08 17.29 29.88
N TYR B 90 36.20 17.86 28.69
CA TYR B 90 35.15 17.74 27.68
C TYR B 90 35.78 17.56 26.31
N TYR B 91 35.31 16.55 25.58
CA TYR B 91 35.86 16.16 24.30
C TYR B 91 34.77 16.18 23.24
N CYS B 92 35.18 16.20 21.97
CA CYS B 92 34.26 16.29 20.84
C CYS B 92 34.69 15.33 19.74
N GLU B 93 33.89 14.29 19.51
CA GLU B 93 34.05 13.46 18.33
C GLU B 93 33.37 14.12 17.14
N THR B 94 34.02 14.08 15.97
CA THR B 94 33.53 14.81 14.82
C THR B 94 33.49 13.97 13.54
N TRP B 95 33.69 12.66 13.63
CA TRP B 95 33.74 11.83 12.44
C TRP B 95 33.14 10.47 12.77
N ASP B 96 33.15 9.59 11.79
CA ASP B 96 32.70 8.21 11.97
C ASP B 96 33.74 7.19 11.52
N SER B 97 34.47 7.47 10.44
CA SER B 97 35.55 6.59 10.02
C SER B 97 36.64 6.52 11.09
N LYS B 98 36.97 7.67 11.67
CA LYS B 98 37.88 7.76 12.80
C LYS B 98 37.18 8.51 13.92
N THR B 99 37.33 8.03 15.15
CA THR B 99 36.76 8.72 16.31
C THR B 99 37.71 9.86 16.67
N VAL B 100 37.65 10.91 15.88
CA VAL B 100 38.60 12.02 15.96
C VAL B 100 38.23 12.89 17.15
N PHE B 101 39.05 12.85 18.20
CA PHE B 101 38.89 13.75 19.32
C PHE B 101 39.81 14.97 19.13
N GLY B 102 39.33 16.13 19.58
CA GLY B 102 40.12 17.33 19.45
C GLY B 102 41.34 17.33 20.35
N GLY B 103 41.20 16.86 21.57
CA GLY B 103 42.27 16.91 22.56
C GLY B 103 41.73 17.21 23.93
N GLY B 104 40.53 17.76 23.99
CA GLY B 104 39.85 18.01 25.24
C GLY B 104 40.04 19.43 25.76
N THR B 105 39.10 19.84 26.59
CA THR B 105 39.14 21.13 27.27
C THR B 105 39.00 20.88 28.77
N THR B 106 39.89 21.46 29.56
CA THR B 106 39.86 21.31 31.01
C THR B 106 39.11 22.49 31.62
N LEU B 107 38.24 22.19 32.57
CA LEU B 107 37.47 23.21 33.27
C LEU B 107 37.94 23.31 34.70
N THR B 108 37.99 24.53 35.22
CA THR B 108 38.44 24.77 36.59
C THR B 108 37.57 25.82 37.25
N VAL B 109 37.46 25.74 38.58
CA VAL B 109 36.81 26.79 39.35
C VAL B 109 37.86 27.79 39.79
N LEU B 110 37.40 28.97 40.20
CA LEU B 110 38.31 29.99 40.72
C LEU B 110 37.73 30.66 41.97
N GLN C 60 -7.01 -37.32 -16.91
CA GLN C 60 -6.76 -38.51 -16.09
C GLN C 60 -7.24 -38.31 -14.67
N ASN C 61 -6.90 -39.26 -13.80
CA ASN C 61 -7.18 -39.15 -12.37
C ASN C 61 -5.94 -39.40 -11.53
N SER C 62 -4.77 -39.51 -12.15
CA SER C 62 -3.52 -39.72 -11.43
C SER C 62 -2.42 -38.96 -12.15
N SER C 63 -1.35 -38.67 -11.41
CA SER C 63 -0.26 -37.84 -11.92
C SER C 63 1.07 -38.57 -11.75
N ILE C 64 2.03 -38.20 -12.59
CA ILE C 64 3.37 -38.75 -12.48
C ILE C 64 4.00 -38.35 -11.15
N GLY C 65 3.65 -37.18 -10.64
CA GLY C 65 4.14 -36.71 -9.36
C GLY C 65 5.29 -35.73 -9.40
N GLU C 66 5.65 -35.22 -10.57
CA GLU C 66 6.75 -34.30 -10.68
C GLU C 66 6.50 -33.33 -11.83
N ILE C 67 7.15 -32.17 -11.75
CA ILE C 67 7.03 -31.14 -12.77
C ILE C 67 8.17 -31.35 -13.76
N CYS C 68 7.87 -31.99 -14.89
CA CYS C 68 8.89 -32.26 -15.89
C CYS C 68 9.31 -30.97 -16.58
N ASP C 69 10.60 -30.88 -16.92
CA ASP C 69 11.23 -29.64 -17.35
C ASP C 69 11.06 -29.35 -18.82
N SER C 70 10.43 -30.23 -19.59
CA SER C 70 10.27 -30.03 -21.02
C SER C 70 8.82 -30.23 -21.41
N PRO C 71 8.35 -29.52 -22.45
CA PRO C 71 9.06 -28.51 -23.26
C PRO C 71 9.05 -27.12 -22.65
N HIS C 72 8.24 -26.90 -21.61
CA HIS C 72 8.18 -25.61 -20.94
C HIS C 72 9.37 -25.48 -20.00
N GLN C 73 10.17 -24.44 -20.19
CA GLN C 73 11.32 -24.21 -19.32
C GLN C 73 10.87 -23.86 -17.92
N ILE C 74 11.42 -24.55 -16.93
CA ILE C 74 10.99 -24.43 -15.54
C ILE C 74 12.13 -23.80 -14.74
N LEU C 75 11.84 -22.66 -14.12
CA LEU C 75 12.73 -22.05 -13.14
C LEU C 75 12.15 -22.36 -11.76
N ASP C 76 12.92 -23.04 -10.93
CA ASP C 76 12.45 -23.48 -9.62
C ASP C 76 13.18 -22.70 -8.54
N GLY C 77 12.42 -22.02 -7.69
CA GLY C 77 12.99 -21.33 -6.55
C GLY C 77 13.08 -22.23 -5.34
N GLU C 78 14.28 -22.73 -5.05
CA GLU C 78 14.44 -23.67 -3.95
C GLU C 78 14.03 -23.03 -2.62
N ASN C 79 14.45 -21.80 -2.39
CA ASN C 79 14.12 -21.09 -1.16
C ASN C 79 13.58 -19.68 -1.39
N CYS C 80 13.63 -19.16 -2.60
CA CYS C 80 13.23 -17.78 -2.87
C CYS C 80 11.92 -17.72 -3.64
N THR C 81 11.04 -16.82 -3.21
CA THR C 81 9.85 -16.46 -3.95
C THR C 81 10.25 -15.56 -5.12
N LEU C 82 9.39 -15.51 -6.14
CA LEU C 82 9.69 -14.74 -7.35
C LEU C 82 10.01 -13.28 -7.03
N ILE C 83 9.25 -12.68 -6.10
CA ILE C 83 9.49 -11.29 -5.74
C ILE C 83 10.85 -11.13 -5.07
N ASP C 84 11.27 -12.13 -4.29
CA ASP C 84 12.59 -12.08 -3.67
C ASP C 84 13.69 -12.06 -4.72
N ALA C 85 13.57 -12.93 -5.73
CA ALA C 85 14.57 -12.96 -6.80
C ALA C 85 14.54 -11.66 -7.61
N LEU C 86 13.34 -11.12 -7.84
CA LEU C 86 13.22 -9.86 -8.56
C LEU C 86 13.90 -8.72 -7.81
N LEU C 87 13.73 -8.68 -6.48
CA LEU C 87 14.38 -7.63 -5.69
C LEU C 87 15.87 -7.84 -5.55
N GLY C 88 16.36 -9.04 -5.82
CA GLY C 88 17.79 -9.32 -5.71
C GLY C 88 18.22 -9.73 -4.33
N ASP C 89 17.57 -10.75 -3.77
CA ASP C 89 17.96 -11.26 -2.47
C ASP C 89 19.34 -11.90 -2.57
N PRO C 90 20.27 -11.55 -1.68
CA PRO C 90 21.57 -12.25 -1.67
C PRO C 90 21.46 -13.74 -1.48
N GLN C 91 20.36 -14.22 -0.89
CA GLN C 91 20.15 -15.65 -0.72
C GLN C 91 20.08 -16.38 -2.06
N CYS C 92 19.57 -15.72 -3.10
CA CYS C 92 19.33 -16.35 -4.40
C CYS C 92 19.92 -15.53 -5.53
N ASP C 93 21.18 -15.12 -5.38
CA ASP C 93 21.85 -14.33 -6.41
C ASP C 93 21.92 -15.06 -7.74
N GLY C 94 21.79 -16.39 -7.74
CA GLY C 94 21.78 -17.13 -8.99
C GLY C 94 20.59 -16.82 -9.88
N PHE C 95 19.54 -16.22 -9.32
CA PHE C 95 18.34 -15.92 -10.10
C PHE C 95 18.42 -14.59 -10.83
N GLN C 96 19.52 -13.85 -10.71
CA GLN C 96 19.64 -12.59 -11.42
C GLN C 96 19.65 -12.81 -12.93
N ASN C 97 18.87 -12.00 -13.64
CA ASN C 97 18.87 -11.93 -15.10
C ASN C 97 18.46 -13.25 -15.75
N LYS C 98 17.77 -14.12 -15.02
CA LYS C 98 17.33 -15.39 -15.58
C LYS C 98 15.97 -15.24 -16.26
N LYS C 99 15.70 -16.16 -17.18
CA LYS C 99 14.43 -16.21 -17.90
C LYS C 99 13.75 -17.54 -17.67
N TRP C 100 12.43 -17.55 -17.80
CA TRP C 100 11.67 -18.76 -17.54
C TRP C 100 10.37 -18.73 -18.34
N ASP C 101 9.78 -19.91 -18.48
CA ASP C 101 8.42 -20.05 -18.99
C ASP C 101 7.41 -20.34 -17.88
N LEU C 102 7.84 -21.04 -16.83
CA LEU C 102 7.03 -21.23 -15.64
C LEU C 102 7.91 -21.10 -14.41
N PHE C 103 7.50 -20.25 -13.46
CA PHE C 103 8.21 -20.05 -12.21
C PHE C 103 7.45 -20.79 -11.12
N VAL C 104 8.07 -21.81 -10.55
CA VAL C 104 7.44 -22.64 -9.52
C VAL C 104 8.08 -22.30 -8.18
N GLU C 105 7.24 -22.03 -7.19
CA GLU C 105 7.69 -21.65 -5.85
C GLU C 105 7.38 -22.77 -4.88
N ARG C 106 8.41 -23.26 -4.18
CA ARG C 106 8.18 -24.21 -3.11
C ARG C 106 7.56 -23.50 -1.92
N SER C 107 6.64 -24.18 -1.24
CA SER C 107 5.93 -23.58 -0.13
C SER C 107 6.81 -23.31 1.09
N LYS C 108 8.02 -23.88 1.12
CA LYS C 108 8.95 -23.65 2.21
C LYS C 108 9.82 -22.41 2.01
N ALA C 109 9.49 -21.58 1.02
CA ALA C 109 10.27 -20.39 0.73
C ALA C 109 10.17 -19.39 1.89
N TYR C 110 11.20 -18.56 2.02
CA TYR C 110 11.26 -17.57 3.09
C TYR C 110 12.17 -16.44 2.64
N SER C 111 12.07 -15.31 3.34
CA SER C 111 12.93 -14.17 3.09
C SER C 111 14.01 -14.08 4.16
N ASN C 112 15.19 -13.59 3.75
CA ASN C 112 16.32 -13.43 4.65
C ASN C 112 16.89 -12.02 4.66
N CYS C 113 16.62 -11.23 3.64
CA CYS C 113 17.06 -9.83 3.56
C CYS C 113 16.12 -8.96 4.38
N TYR C 114 16.18 -7.65 4.16
CA TYR C 114 15.41 -6.69 4.94
C TYR C 114 13.92 -7.05 4.90
N PRO C 115 13.24 -7.12 6.04
CA PRO C 115 11.81 -7.50 6.03
C PRO C 115 10.95 -6.42 5.39
N TYR C 116 10.32 -6.76 4.27
CA TYR C 116 9.56 -5.81 3.48
C TYR C 116 8.11 -6.27 3.35
N ASP C 117 7.31 -5.43 2.72
CA ASP C 117 5.96 -5.78 2.31
C ASP C 117 5.62 -4.98 1.07
N VAL C 118 4.79 -5.56 0.21
CA VAL C 118 4.44 -4.95 -1.07
C VAL C 118 3.00 -4.48 -1.00
N PRO C 119 2.74 -3.17 -1.07
CA PRO C 119 1.35 -2.69 -1.24
C PRO C 119 0.77 -3.24 -2.54
N ASP C 120 -0.34 -3.96 -2.42
CA ASP C 120 -0.96 -4.66 -3.54
C ASP C 120 0.04 -5.65 -4.17
N TYR C 121 0.41 -6.62 -3.35
CA TYR C 121 1.42 -7.60 -3.72
C TYR C 121 0.97 -8.47 -4.89
N ALA C 122 -0.33 -8.76 -4.97
CA ALA C 122 -0.82 -9.73 -5.94
C ALA C 122 -0.58 -9.26 -7.38
N SER C 123 -0.89 -8.00 -7.68
CA SER C 123 -0.79 -7.54 -9.06
C SER C 123 0.67 -7.42 -9.50
N LEU C 124 1.55 -6.95 -8.60
CA LEU C 124 2.97 -6.91 -8.92
C LEU C 124 3.52 -8.31 -9.15
N ARG C 125 3.12 -9.25 -8.29
CA ARG C 125 3.53 -10.65 -8.46
C ARG C 125 3.09 -11.18 -9.82
N SER C 126 1.82 -10.97 -10.17
CA SER C 126 1.30 -11.47 -11.43
C SER C 126 1.99 -10.82 -12.62
N LEU C 127 2.21 -9.50 -12.55
CA LEU C 127 2.86 -8.79 -13.66
C LEU C 127 4.27 -9.30 -13.87
N VAL C 128 5.05 -9.43 -12.79
CA VAL C 128 6.42 -9.89 -12.91
C VAL C 128 6.47 -11.34 -13.39
N ALA C 129 5.52 -12.16 -12.93
CA ALA C 129 5.47 -13.55 -13.39
C ALA C 129 5.16 -13.63 -14.87
N SER C 130 4.16 -12.86 -15.33
CA SER C 130 3.81 -12.86 -16.75
C SER C 130 4.89 -12.21 -17.60
N SER C 131 5.77 -11.41 -16.99
CA SER C 131 6.92 -10.91 -17.74
C SER C 131 7.80 -12.06 -18.21
N GLY C 132 8.01 -13.05 -17.35
CA GLY C 132 8.80 -14.21 -17.71
C GLY C 132 10.25 -13.94 -17.99
N THR C 133 10.76 -12.79 -17.58
CA THR C 133 12.13 -12.39 -17.91
C THR C 133 12.62 -11.42 -16.85
N LEU C 134 13.74 -11.75 -16.20
CA LEU C 134 14.34 -10.92 -15.17
C LEU C 134 15.54 -10.14 -15.70
N GLU C 135 15.66 -9.99 -17.01
CA GLU C 135 16.76 -9.21 -17.57
C GLU C 135 16.68 -7.77 -17.08
N PHE C 136 17.82 -7.26 -16.64
CA PHE C 136 17.91 -5.97 -15.99
C PHE C 136 19.06 -5.19 -16.61
N LYS C 137 18.84 -3.91 -16.86
CA LYS C 137 19.85 -3.02 -17.41
C LYS C 137 20.20 -1.97 -16.37
N ASN C 138 21.49 -1.92 -16.01
CA ASN C 138 22.00 -0.85 -15.17
C ASN C 138 21.79 0.48 -15.86
N GLU C 139 21.36 1.48 -15.10
CA GLU C 139 21.17 2.82 -15.63
C GLU C 139 21.90 3.83 -14.76
N SER C 140 22.56 4.79 -15.41
CA SER C 140 23.37 5.78 -14.71
C SER C 140 22.49 6.92 -14.18
N PHE C 141 21.74 6.62 -13.13
CA PHE C 141 20.96 7.63 -12.45
C PHE C 141 21.89 8.68 -11.84
N ASN C 142 21.44 9.92 -11.82
CA ASN C 142 22.28 11.05 -11.41
C ASN C 142 22.05 11.43 -9.96
N TRP C 143 22.39 10.51 -9.06
CA TRP C 143 22.33 10.76 -7.62
C TRP C 143 23.60 11.50 -7.22
N THR C 144 23.54 12.82 -7.27
CA THR C 144 24.74 13.63 -7.04
C THR C 144 24.94 13.93 -5.56
N GLY C 145 23.95 14.55 -4.92
CA GLY C 145 24.14 15.07 -3.58
C GLY C 145 23.83 14.10 -2.46
N VAL C 146 23.73 12.81 -2.78
CA VAL C 146 23.40 11.80 -1.78
C VAL C 146 24.41 10.65 -1.88
N THR C 147 24.50 9.90 -0.79
CA THR C 147 25.39 8.76 -0.72
C THR C 147 24.66 7.50 -1.17
N GLN C 148 25.32 6.69 -1.97
CA GLN C 148 24.73 5.47 -2.50
C GLN C 148 25.23 4.25 -1.73
N ASN C 149 24.69 3.09 -2.07
CA ASN C 149 25.13 1.80 -1.56
C ASN C 149 25.03 1.73 -0.03
N GLY C 150 23.80 1.84 0.46
CA GLY C 150 23.53 1.56 1.86
C GLY C 150 23.33 0.07 2.05
N THR C 151 24.06 -0.49 3.01
CA THR C 151 24.12 -1.94 3.18
C THR C 151 23.52 -2.32 4.53
N SER C 152 22.56 -3.24 4.50
CA SER C 152 21.90 -3.72 5.71
C SER C 152 22.65 -4.92 6.29
N SER C 153 22.53 -5.07 7.60
CA SER C 153 23.19 -6.17 8.28
C SER C 153 22.47 -7.49 8.04
N ALA C 154 21.15 -7.47 7.90
CA ALA C 154 20.39 -8.71 7.76
C ALA C 154 20.69 -9.41 6.44
N CYS C 155 20.95 -8.66 5.39
CA CYS C 155 21.24 -9.23 4.06
C CYS C 155 22.73 -9.48 3.99
N ILE C 156 23.17 -10.57 4.63
CA ILE C 156 24.57 -10.93 4.68
C ILE C 156 24.93 -11.67 3.38
N ARG C 157 25.65 -10.98 2.49
CA ARG C 157 26.12 -11.55 1.24
C ARG C 157 27.63 -11.69 1.28
N GLY C 158 28.12 -12.91 1.08
CA GLY C 158 29.54 -13.16 1.05
C GLY C 158 30.27 -12.72 2.30
N SER C 159 29.72 -13.07 3.46
CA SER C 159 30.29 -12.75 4.77
C SER C 159 30.51 -11.25 4.93
N SER C 160 29.62 -10.44 4.39
CA SER C 160 29.69 -8.99 4.53
C SER C 160 28.28 -8.41 4.47
N SER C 161 28.04 -7.36 5.26
CA SER C 161 26.75 -6.69 5.27
C SER C 161 26.44 -6.14 3.88
N SER C 162 25.21 -6.38 3.42
CA SER C 162 24.86 -6.00 2.06
C SER C 162 23.35 -5.74 1.99
N PHE C 163 22.84 -5.54 0.78
CA PHE C 163 21.45 -5.16 0.58
C PHE C 163 20.98 -5.82 -0.73
N PHE C 164 19.78 -5.45 -1.15
CA PHE C 164 19.25 -5.98 -2.41
C PHE C 164 20.14 -5.59 -3.58
N SER C 165 20.41 -6.54 -4.47
CA SER C 165 21.32 -6.29 -5.58
C SER C 165 20.73 -5.34 -6.61
N ARG C 166 19.43 -5.11 -6.60
CA ARG C 166 18.77 -4.27 -7.59
C ARG C 166 18.17 -3.00 -6.99
N LEU C 167 18.40 -2.74 -5.71
CA LEU C 167 17.91 -1.54 -5.04
C LEU C 167 19.08 -0.81 -4.39
N ASN C 168 19.00 0.52 -4.40
CA ASN C 168 20.07 1.38 -3.89
C ASN C 168 19.52 2.19 -2.73
N TRP C 169 19.94 1.86 -1.51
CA TRP C 169 19.48 2.59 -0.32
C TRP C 169 20.28 3.88 -0.23
N LEU C 170 19.64 4.99 -0.60
CA LEU C 170 20.28 6.30 -0.57
C LEU C 170 20.17 6.90 0.82
N THR C 171 21.27 7.46 1.31
CA THR C 171 21.32 8.13 2.60
C THR C 171 21.90 9.53 2.42
N HIS C 172 22.06 10.23 3.53
CA HIS C 172 22.55 11.60 3.47
C HIS C 172 24.04 11.64 3.14
N LEU C 173 24.45 12.71 2.47
CA LEU C 173 25.85 12.99 2.20
C LEU C 173 26.20 14.35 2.76
N ASN C 174 27.33 14.43 3.46
CA ASN C 174 27.73 15.65 4.17
C ASN C 174 26.64 16.09 5.13
N TYR C 175 25.96 15.11 5.74
CA TYR C 175 24.85 15.35 6.66
C TYR C 175 23.76 16.20 6.03
N THR C 176 23.50 16.01 4.73
CA THR C 176 22.47 16.76 4.04
C THR C 176 21.89 15.87 2.94
N TYR C 177 20.58 16.00 2.72
CA TYR C 177 19.86 15.26 1.69
C TYR C 177 19.14 16.25 0.79
N PRO C 178 19.73 16.64 -0.32
CA PRO C 178 19.07 17.60 -1.22
C PRO C 178 17.82 17.00 -1.84
N ALA C 179 16.86 17.87 -2.16
CA ALA C 179 15.61 17.45 -2.78
C ALA C 179 15.91 16.93 -4.18
N LEU C 180 15.94 15.62 -4.33
CA LEU C 180 16.27 15.02 -5.62
C LEU C 180 15.17 15.29 -6.63
N ASN C 181 15.59 15.66 -7.86
CA ASN C 181 14.72 15.79 -9.05
C ASN C 181 15.51 15.26 -10.25
N VAL C 182 15.33 13.98 -10.54
CA VAL C 182 16.11 13.28 -11.55
C VAL C 182 15.19 12.79 -12.67
N THR C 183 15.70 12.84 -13.90
CA THR C 183 14.94 12.46 -15.08
C THR C 183 15.67 11.33 -15.80
N MET C 184 14.93 10.28 -16.17
CA MET C 184 15.47 9.16 -16.94
C MET C 184 14.52 8.89 -18.10
N PRO C 185 14.62 9.66 -19.18
CA PRO C 185 13.68 9.49 -20.29
C PRO C 185 13.87 8.16 -21.01
N ASN C 186 12.78 7.65 -21.57
CA ASN C 186 12.79 6.41 -22.34
C ASN C 186 12.95 6.77 -23.82
N ASN C 187 14.14 6.53 -24.35
CA ASN C 187 14.44 6.76 -25.76
C ASN C 187 14.40 5.47 -26.57
N GLU C 188 14.02 4.35 -25.96
CA GLU C 188 14.03 3.07 -26.62
C GLU C 188 12.70 2.80 -27.31
N GLN C 189 12.60 1.64 -27.95
CA GLN C 189 11.40 1.24 -28.68
C GLN C 189 10.58 0.19 -27.93
N PHE C 190 10.83 0.00 -26.64
CA PHE C 190 10.11 -1.01 -25.87
C PHE C 190 9.71 -0.45 -24.53
N ASP C 191 8.70 -1.09 -23.93
CA ASP C 191 8.21 -0.72 -22.62
C ASP C 191 9.18 -1.19 -21.55
N LYS C 192 9.41 -0.34 -20.54
CA LYS C 192 10.35 -0.69 -19.48
C LYS C 192 9.71 -0.50 -18.11
N LEU C 193 10.15 -1.31 -17.15
CA LEU C 193 9.56 -1.33 -15.82
C LEU C 193 10.61 -0.93 -14.79
N TYR C 194 10.26 0.01 -13.93
CA TYR C 194 11.13 0.45 -12.84
C TYR C 194 10.52 0.00 -11.51
N ILE C 195 11.37 -0.34 -10.56
CA ILE C 195 10.93 -0.77 -9.23
C ILE C 195 11.73 0.02 -8.20
N TRP C 196 11.02 0.71 -7.32
CA TRP C 196 11.60 1.52 -6.26
C TRP C 196 10.90 1.20 -4.94
N GLY C 197 11.29 1.88 -3.88
CA GLY C 197 10.71 1.59 -2.59
C GLY C 197 10.84 2.75 -1.63
N VAL C 198 10.13 2.62 -0.51
CA VAL C 198 10.15 3.58 0.57
C VAL C 198 10.37 2.83 1.87
N HIS C 199 11.37 3.26 2.63
CA HIS C 199 11.72 2.59 3.89
C HIS C 199 11.03 3.28 5.06
N HIS C 200 10.29 2.51 5.84
CA HIS C 200 9.57 3.05 6.98
C HIS C 200 10.37 2.75 8.24
N PRO C 201 11.02 3.73 8.85
CA PRO C 201 11.85 3.46 10.04
C PRO C 201 11.01 3.17 11.27
N GLY C 202 11.65 2.54 12.25
CA GLY C 202 10.95 2.18 13.47
C GLY C 202 10.72 3.34 14.42
N THR C 203 11.58 4.36 14.36
CA THR C 203 11.52 5.50 15.27
C THR C 203 12.02 6.74 14.54
N ASP C 204 11.58 7.91 15.06
CA ASP C 204 12.02 9.19 14.48
C ASP C 204 13.54 9.33 14.54
N LYS C 205 14.19 8.72 15.53
CA LYS C 205 15.64 8.75 15.61
C LYS C 205 16.25 8.07 14.38
N ASP C 206 15.71 6.91 14.00
CA ASP C 206 16.21 6.18 12.85
C ASP C 206 15.87 6.87 11.54
N GLN C 207 15.02 7.89 11.56
CA GLN C 207 14.72 8.70 10.38
C GLN C 207 15.65 9.91 10.28
N ILE C 208 15.82 10.63 11.38
CA ILE C 208 16.71 11.78 11.39
C ILE C 208 18.17 11.35 11.27
N PHE C 209 18.50 10.12 11.66
CA PHE C 209 19.85 9.63 11.42
C PHE C 209 20.10 9.36 9.95
N LEU C 210 19.07 8.99 9.21
CA LEU C 210 19.26 8.55 7.83
C LEU C 210 19.12 9.68 6.82
N TYR C 211 18.14 10.57 6.97
CA TYR C 211 17.81 11.51 5.89
C TYR C 211 17.88 12.97 6.31
N ALA C 212 18.40 13.28 7.49
CA ALA C 212 18.65 14.64 7.95
C ALA C 212 17.39 15.51 8.01
N GLN C 213 16.21 14.89 7.95
CA GLN C 213 14.94 15.62 8.08
C GLN C 213 13.84 14.61 8.35
N SER C 214 12.90 14.99 9.23
CA SER C 214 11.85 14.06 9.62
C SER C 214 10.77 13.92 8.55
N SER C 215 10.42 15.02 7.87
CA SER C 215 9.29 15.03 6.93
C SER C 215 9.74 14.53 5.56
N GLY C 216 9.85 13.20 5.46
CA GLY C 216 10.18 12.57 4.19
C GLY C 216 8.93 12.31 3.36
N ARG C 217 9.08 12.41 2.04
CA ARG C 217 8.00 12.11 1.11
C ARG C 217 8.60 11.91 -0.27
N ILE C 218 7.80 11.37 -1.18
CA ILE C 218 8.33 11.08 -2.51
C ILE C 218 7.20 11.14 -3.55
N THR C 219 7.51 11.66 -4.73
CA THR C 219 6.59 11.67 -5.87
C THR C 219 7.34 11.22 -7.11
N VAL C 220 6.92 10.11 -7.71
CA VAL C 220 7.50 9.61 -8.96
C VAL C 220 6.43 9.70 -10.03
N SER C 221 6.71 10.48 -11.07
CA SER C 221 5.71 10.82 -12.06
C SER C 221 6.21 10.52 -13.47
N THR C 222 5.30 10.12 -14.33
CA THR C 222 5.55 9.96 -15.75
C THR C 222 4.63 10.89 -16.52
N LYS C 223 4.78 10.91 -17.83
CA LYS C 223 3.90 11.73 -18.66
C LYS C 223 2.49 11.18 -18.70
N ARG C 224 2.29 9.92 -18.27
CA ARG C 224 0.98 9.30 -18.28
C ARG C 224 0.24 9.51 -16.96
N SER C 225 0.88 9.22 -15.84
CA SER C 225 0.26 9.35 -14.54
C SER C 225 1.35 9.64 -13.51
N GLN C 226 0.93 9.85 -12.26
CA GLN C 226 1.84 10.14 -11.17
C GLN C 226 1.55 9.20 -10.00
N GLN C 227 2.55 9.02 -9.15
CA GLN C 227 2.40 8.22 -7.94
C GLN C 227 3.10 8.96 -6.80
N ALA C 228 2.45 9.02 -5.64
CA ALA C 228 3.00 9.71 -4.49
C ALA C 228 2.96 8.79 -3.28
N VAL C 229 4.03 8.80 -2.50
CA VAL C 229 4.15 7.95 -1.33
C VAL C 229 4.58 8.80 -0.14
N ILE C 230 3.90 8.62 0.97
CA ILE C 230 4.27 9.22 2.26
C ILE C 230 4.70 8.09 3.18
N PRO C 231 5.83 8.22 3.87
CA PRO C 231 6.22 7.23 4.87
C PRO C 231 5.71 7.61 6.25
N ASN C 232 5.37 6.59 7.03
CA ASN C 232 4.90 6.76 8.39
C ASN C 232 5.91 6.15 9.35
N ILE C 233 6.17 6.85 10.45
CA ILE C 233 7.14 6.43 11.44
C ILE C 233 6.43 5.67 12.54
N GLY C 234 6.89 4.45 12.80
CA GLY C 234 6.28 3.61 13.82
C GLY C 234 6.81 2.21 13.79
N SER C 235 6.95 1.59 14.96
CA SER C 235 7.56 0.28 15.07
C SER C 235 6.52 -0.80 14.78
N ARG C 236 6.65 -1.45 13.63
CA ARG C 236 5.87 -2.65 13.36
C ARG C 236 6.35 -3.77 14.27
N PRO C 237 5.48 -4.74 14.59
CA PRO C 237 5.94 -5.89 15.37
C PRO C 237 7.13 -6.56 14.72
N ARG C 238 8.10 -6.93 15.55
CA ARG C 238 9.43 -7.27 15.08
C ARG C 238 9.45 -8.61 14.36
N ILE C 239 10.04 -8.62 13.17
CA ILE C 239 10.24 -9.83 12.38
C ILE C 239 11.71 -9.90 12.01
N ARG C 240 12.33 -11.05 12.25
CA ARG C 240 13.76 -11.26 12.00
C ARG C 240 14.59 -10.19 12.71
N ASP C 241 14.17 -9.83 13.93
CA ASP C 241 14.87 -8.86 14.76
C ASP C 241 15.03 -7.51 14.06
N ILE C 242 14.02 -7.12 13.29
CA ILE C 242 14.00 -5.80 12.64
C ILE C 242 12.60 -5.21 12.75
N PRO C 243 12.45 -4.02 13.33
CA PRO C 243 11.10 -3.46 13.54
C PRO C 243 10.60 -2.63 12.38
N SER C 244 11.48 -2.22 11.48
CA SER C 244 11.13 -1.28 10.42
C SER C 244 10.42 -2.00 9.27
N ARG C 245 10.21 -1.28 8.17
CA ARG C 245 9.52 -1.83 7.01
C ARG C 245 10.18 -1.32 5.73
N ILE C 246 9.94 -2.05 4.64
CA ILE C 246 10.24 -1.56 3.31
C ILE C 246 9.02 -1.82 2.43
N SER C 247 8.54 -0.77 1.76
CA SER C 247 7.40 -0.89 0.87
C SER C 247 7.89 -0.73 -0.57
N ILE C 248 7.59 -1.72 -1.41
CA ILE C 248 8.10 -1.78 -2.78
C ILE C 248 6.96 -1.44 -3.73
N TYR C 249 7.23 -0.51 -4.66
CA TYR C 249 6.28 -0.12 -5.68
C TYR C 249 6.88 -0.41 -7.06
N TRP C 250 6.14 -0.04 -8.10
CA TRP C 250 6.63 -0.20 -9.46
C TRP C 250 5.96 0.84 -10.35
N THR C 251 6.64 1.17 -11.45
CA THR C 251 6.16 2.18 -12.39
C THR C 251 6.59 1.77 -13.79
N ILE C 252 5.64 1.71 -14.71
CA ILE C 252 5.89 1.25 -16.07
C ILE C 252 5.96 2.45 -16.99
N VAL C 253 7.08 2.57 -17.71
CA VAL C 253 7.36 3.70 -18.57
C VAL C 253 7.31 3.21 -20.01
N LYS C 254 6.34 3.73 -20.76
CA LYS C 254 6.13 3.37 -22.15
C LYS C 254 7.22 3.98 -23.02
N PRO C 255 7.40 3.48 -24.25
CA PRO C 255 8.34 4.14 -25.17
C PRO C 255 7.92 5.58 -25.42
N GLY C 256 8.91 6.47 -25.43
CA GLY C 256 8.67 7.89 -25.55
C GLY C 256 8.25 8.58 -24.28
N ASP C 257 7.99 7.83 -23.20
CA ASP C 257 7.61 8.39 -21.93
C ASP C 257 8.85 8.83 -21.16
N ILE C 258 8.63 9.61 -20.11
CA ILE C 258 9.70 10.17 -19.28
C ILE C 258 9.41 9.82 -17.83
N LEU C 259 10.42 9.30 -17.14
CA LEU C 259 10.30 9.00 -15.71
C LEU C 259 11.02 10.08 -14.92
N LEU C 260 10.34 10.67 -13.94
CA LEU C 260 10.90 11.74 -13.14
C LEU C 260 10.68 11.41 -11.67
N ILE C 261 11.77 11.47 -10.88
CA ILE C 261 11.74 11.17 -9.45
C ILE C 261 11.99 12.46 -8.71
N ASN C 262 11.06 12.84 -7.82
CA ASN C 262 11.15 14.07 -7.06
C ASN C 262 10.88 13.71 -5.59
N SER C 263 11.95 13.59 -4.82
CA SER C 263 11.84 13.11 -3.46
C SER C 263 12.67 13.99 -2.52
N THR C 264 12.10 14.33 -1.36
CA THR C 264 12.83 15.08 -0.36
C THR C 264 13.61 14.19 0.59
N GLY C 265 13.50 12.88 0.44
CA GLY C 265 14.19 11.95 1.33
C GLY C 265 13.40 10.66 1.42
N ASN C 266 14.01 9.70 2.13
CA ASN C 266 13.38 8.40 2.39
C ASN C 266 13.05 7.69 1.09
N LEU C 267 14.10 7.38 0.32
CA LEU C 267 13.95 6.72 -0.97
C LEU C 267 14.86 5.50 -1.05
N ILE C 268 14.36 4.46 -1.70
CA ILE C 268 15.17 3.30 -2.07
C ILE C 268 15.20 3.29 -3.59
N ALA C 269 16.25 3.90 -4.15
CA ALA C 269 16.30 4.18 -5.57
C ALA C 269 16.46 2.90 -6.40
N PRO C 270 16.02 2.93 -7.66
CA PRO C 270 16.32 1.83 -8.56
C PRO C 270 17.68 1.99 -9.21
N ARG C 271 18.32 0.85 -9.49
CA ARG C 271 19.63 0.84 -10.12
C ARG C 271 19.56 0.69 -11.64
N GLY C 272 18.36 0.66 -12.20
CA GLY C 272 18.19 0.51 -13.63
C GLY C 272 16.75 0.17 -13.96
N TYR C 273 16.56 -0.58 -15.03
CA TYR C 273 15.22 -0.95 -15.46
C TYR C 273 15.15 -2.41 -15.87
N PHE C 274 13.99 -3.01 -15.64
CA PHE C 274 13.68 -4.35 -16.13
C PHE C 274 12.99 -4.25 -17.48
N LYS C 275 13.18 -5.28 -18.29
CA LYS C 275 12.60 -5.32 -19.64
C LYS C 275 11.27 -6.06 -19.59
N ILE C 276 10.19 -5.30 -19.35
CA ILE C 276 8.86 -5.89 -19.32
C ILE C 276 8.42 -6.21 -20.74
N ARG C 277 7.93 -7.44 -20.94
CA ARG C 277 7.50 -7.88 -22.26
C ARG C 277 6.28 -8.79 -22.12
N SER C 278 5.39 -8.70 -23.10
CA SER C 278 4.26 -9.62 -23.15
C SER C 278 4.75 -11.02 -23.48
N GLY C 279 4.19 -12.01 -22.79
CA GLY C 279 4.66 -13.37 -22.97
C GLY C 279 3.65 -14.38 -22.45
N LYS C 280 3.96 -15.64 -22.67
CA LYS C 280 3.12 -16.76 -22.28
C LYS C 280 3.52 -17.36 -20.94
N SER C 281 4.42 -16.71 -20.20
CA SER C 281 4.89 -17.23 -18.92
C SER C 281 3.76 -17.16 -17.89
N SER C 282 4.04 -17.69 -16.71
CA SER C 282 3.03 -17.76 -15.65
C SER C 282 3.73 -17.88 -14.30
N ILE C 283 2.95 -18.19 -13.27
CA ILE C 283 3.45 -18.35 -11.90
C ILE C 283 2.86 -19.65 -11.36
N MET C 284 3.55 -20.21 -10.36
CA MET C 284 3.18 -21.52 -9.83
C MET C 284 3.53 -21.58 -8.36
N ARG C 285 2.82 -22.44 -7.63
CA ARG C 285 3.08 -22.64 -6.20
C ARG C 285 2.80 -24.10 -5.88
N SER C 286 3.85 -24.88 -5.63
CA SER C 286 3.71 -26.31 -5.37
C SER C 286 4.98 -26.80 -4.68
N ASP C 287 4.90 -28.01 -4.14
CA ASP C 287 6.03 -28.69 -3.52
C ASP C 287 6.52 -29.89 -4.34
N ALA C 288 6.01 -30.06 -5.56
CA ALA C 288 6.36 -31.23 -6.35
C ALA C 288 7.83 -31.15 -6.79
N PRO C 289 8.50 -32.30 -6.89
CA PRO C 289 9.89 -32.30 -7.37
C PRO C 289 9.94 -32.05 -8.87
N ILE C 290 11.15 -31.79 -9.35
CA ILE C 290 11.40 -31.57 -10.77
C ILE C 290 11.74 -32.89 -11.43
N GLY C 291 11.05 -33.21 -12.53
CA GLY C 291 11.28 -34.43 -13.26
C GLY C 291 12.06 -34.20 -14.54
N LYS C 292 12.07 -35.23 -15.39
CA LYS C 292 12.78 -35.18 -16.67
C LYS C 292 11.95 -35.70 -17.83
N CYS C 293 10.64 -35.87 -17.66
CA CYS C 293 9.79 -36.40 -18.72
C CYS C 293 9.42 -35.27 -19.69
N LYS C 294 8.48 -35.54 -20.60
CA LYS C 294 8.16 -34.61 -21.67
C LYS C 294 6.70 -34.19 -21.70
N SER C 295 5.89 -34.57 -20.72
CA SER C 295 4.50 -34.17 -20.71
C SER C 295 4.39 -32.68 -20.44
N GLU C 296 3.61 -31.99 -21.29
CA GLU C 296 3.61 -30.53 -21.30
C GLU C 296 2.88 -29.95 -20.09
N CYS C 297 1.77 -30.56 -19.69
CA CYS C 297 0.93 -29.96 -18.66
C CYS C 297 1.60 -30.03 -17.30
N ILE C 298 1.36 -29.00 -16.48
CA ILE C 298 1.97 -28.86 -15.18
C ILE C 298 0.88 -28.59 -14.15
N THR C 299 0.91 -29.35 -13.07
CA THR C 299 -0.09 -29.32 -12.00
C THR C 299 0.65 -29.39 -10.68
N PRO C 300 0.11 -28.78 -9.62
CA PRO C 300 0.78 -28.89 -8.31
C PRO C 300 0.99 -30.32 -7.84
N ASN C 301 0.12 -31.25 -8.24
CA ASN C 301 0.31 -32.66 -7.91
C ASN C 301 1.33 -33.34 -8.80
N GLY C 302 1.81 -32.67 -9.85
CA GLY C 302 2.80 -33.25 -10.73
C GLY C 302 2.63 -32.84 -12.18
N SER C 303 2.53 -33.83 -13.07
CA SER C 303 2.34 -33.57 -14.49
C SER C 303 1.23 -34.49 -15.00
N ILE C 304 0.54 -34.02 -16.04
CA ILE C 304 -0.64 -34.72 -16.55
C ILE C 304 -0.57 -34.85 -18.06
N PRO C 305 -0.29 -36.04 -18.60
CA PRO C 305 -0.51 -36.26 -20.03
C PRO C 305 -1.98 -36.11 -20.37
N ASN C 306 -2.26 -35.59 -21.57
CA ASN C 306 -3.64 -35.32 -22.00
C ASN C 306 -4.28 -36.56 -22.63
N ASP C 307 -4.33 -37.63 -21.83
CA ASP C 307 -4.92 -38.88 -22.30
C ASP C 307 -6.45 -38.82 -22.32
N LYS C 308 -7.05 -38.04 -21.44
CA LYS C 308 -8.49 -37.90 -21.35
C LYS C 308 -8.84 -36.41 -21.35
N PRO C 309 -9.95 -36.02 -21.98
CA PRO C 309 -10.28 -34.59 -22.08
C PRO C 309 -10.66 -33.93 -20.77
N PHE C 310 -10.70 -34.65 -19.66
CA PHE C 310 -10.98 -34.06 -18.36
C PHE C 310 -10.02 -34.63 -17.32
N GLN C 311 -10.01 -34.01 -16.14
CA GLN C 311 -9.10 -34.42 -15.09
C GLN C 311 -9.67 -34.01 -13.73
N ASN C 312 -9.14 -34.64 -12.68
CA ASN C 312 -9.54 -34.35 -11.32
C ASN C 312 -8.37 -34.04 -10.40
N VAL C 313 -7.16 -33.88 -10.93
CA VAL C 313 -5.98 -33.74 -10.08
C VAL C 313 -5.99 -32.40 -9.34
N ASN C 314 -6.20 -31.31 -10.07
CA ASN C 314 -6.16 -29.99 -9.45
C ASN C 314 -6.69 -28.95 -10.43
N ARG C 315 -7.36 -27.93 -9.89
CA ARG C 315 -7.87 -26.85 -10.73
C ARG C 315 -6.73 -26.05 -11.36
N ILE C 316 -5.70 -25.74 -10.57
CA ILE C 316 -4.58 -24.96 -11.08
C ILE C 316 -3.80 -25.78 -12.11
N THR C 317 -3.50 -25.17 -13.25
CA THR C 317 -2.86 -25.88 -14.34
C THR C 317 -2.13 -24.88 -15.23
N TYR C 318 -1.24 -25.40 -16.07
CA TYR C 318 -0.51 -24.62 -17.04
C TYR C 318 -0.36 -25.41 -18.33
N GLY C 319 -0.55 -24.75 -19.46
CA GLY C 319 -0.53 -25.40 -20.76
C GLY C 319 -1.90 -25.87 -21.21
N ALA C 320 -1.93 -26.43 -22.42
CA ALA C 320 -3.15 -26.98 -22.98
C ALA C 320 -3.46 -28.31 -22.28
N CYS C 321 -4.41 -28.28 -21.36
CA CYS C 321 -4.63 -29.38 -20.43
C CYS C 321 -6.10 -29.77 -20.36
N PRO C 322 -6.40 -30.97 -19.88
CA PRO C 322 -7.79 -31.36 -19.67
C PRO C 322 -8.46 -30.44 -18.66
N ARG C 323 -9.76 -30.23 -18.85
CA ARG C 323 -10.51 -29.34 -17.98
C ARG C 323 -10.92 -30.06 -16.70
N TYR C 324 -10.96 -29.31 -15.60
CA TYR C 324 -11.33 -29.87 -14.31
C TYR C 324 -12.85 -29.97 -14.19
N VAL C 325 -13.32 -31.08 -13.64
CA VAL C 325 -14.74 -31.31 -13.41
C VAL C 325 -14.94 -31.91 -12.03
N LYS C 326 -16.13 -31.73 -11.49
CA LYS C 326 -16.46 -32.29 -10.18
C LYS C 326 -16.47 -33.81 -10.21
N GLN C 327 -17.08 -34.40 -11.24
CA GLN C 327 -17.20 -35.85 -11.30
C GLN C 327 -15.86 -36.51 -11.56
N SER C 328 -15.74 -37.76 -11.15
CA SER C 328 -14.53 -38.53 -11.36
C SER C 328 -14.42 -38.99 -12.81
N PHE C 408 -2.71 -20.59 -20.86
CA PHE C 408 -1.44 -20.24 -20.24
C PHE C 408 -1.63 -19.60 -18.87
N HIS C 409 -1.36 -18.30 -18.78
CA HIS C 409 -1.49 -17.60 -17.51
C HIS C 409 -2.96 -17.50 -17.11
N GLN C 410 -3.21 -17.66 -15.81
CA GLN C 410 -4.57 -17.64 -15.27
C GLN C 410 -4.56 -16.94 -13.92
N ILE C 411 -5.76 -16.65 -13.42
CA ILE C 411 -5.94 -16.02 -12.12
C ILE C 411 -5.60 -17.04 -11.03
N GLU C 412 -5.45 -16.55 -9.80
CA GLU C 412 -5.17 -17.43 -8.67
C GLU C 412 -6.42 -18.22 -8.30
N LYS C 413 -6.19 -19.44 -7.81
CA LYS C 413 -7.28 -20.31 -7.39
C LYS C 413 -7.11 -20.80 -5.96
N GLU C 414 -6.09 -20.35 -5.24
CA GLU C 414 -5.86 -20.72 -3.85
C GLU C 414 -5.38 -19.48 -3.10
N PHE C 415 -5.84 -19.34 -1.86
CA PHE C 415 -5.53 -18.18 -1.05
C PHE C 415 -5.10 -18.61 0.35
N SER C 416 -4.28 -17.79 0.99
CA SER C 416 -3.86 -18.00 2.37
C SER C 416 -4.66 -17.17 3.36
N GLU C 417 -5.10 -15.98 2.97
CA GLU C 417 -5.85 -15.08 3.84
C GLU C 417 -7.23 -14.81 3.26
N VAL C 418 -7.98 -13.93 3.92
CA VAL C 418 -9.28 -13.46 3.46
C VAL C 418 -9.15 -11.97 3.21
N GLU C 419 -9.22 -11.57 1.93
CA GLU C 419 -9.10 -10.16 1.58
C GLU C 419 -10.44 -9.46 1.46
N GLY C 420 -11.40 -10.08 0.80
CA GLY C 420 -12.74 -9.52 0.73
C GLY C 420 -13.43 -9.84 -0.57
N ARG C 421 -14.29 -8.91 -0.99
CA ARG C 421 -15.17 -9.05 -2.15
C ARG C 421 -14.47 -9.58 -3.40
N ILE C 422 -13.25 -9.10 -3.67
CA ILE C 422 -12.55 -9.52 -4.87
C ILE C 422 -12.21 -11.01 -4.80
N GLN C 423 -11.83 -11.49 -3.61
CA GLN C 423 -11.57 -12.91 -3.45
C GLN C 423 -12.83 -13.73 -3.66
N ASP C 424 -13.96 -13.26 -3.14
CA ASP C 424 -15.22 -13.96 -3.34
C ASP C 424 -15.58 -14.03 -4.81
N LEU C 425 -15.35 -12.94 -5.55
CA LEU C 425 -15.64 -12.96 -6.99
C LEU C 425 -14.71 -13.90 -7.74
N GLU C 426 -13.41 -13.87 -7.43
CA GLU C 426 -12.48 -14.72 -8.16
C GLU C 426 -12.56 -16.18 -7.75
N LYS C 427 -13.24 -16.49 -6.65
CA LYS C 427 -13.54 -17.86 -6.30
C LYS C 427 -14.89 -18.31 -6.89
N TYR C 428 -15.86 -17.40 -6.95
CA TYR C 428 -17.16 -17.71 -7.52
C TYR C 428 -17.06 -17.93 -9.03
N VAL C 429 -16.20 -17.20 -9.71
CA VAL C 429 -16.04 -17.44 -11.15
C VAL C 429 -15.49 -18.84 -11.40
N GLU C 430 -14.53 -19.28 -10.59
CA GLU C 430 -14.00 -20.62 -10.74
C GLU C 430 -15.03 -21.68 -10.37
N ASP C 431 -15.84 -21.41 -9.34
CA ASP C 431 -16.92 -22.34 -9.00
C ASP C 431 -17.92 -22.47 -10.14
N THR C 432 -18.27 -21.34 -10.76
CA THR C 432 -19.18 -21.36 -11.89
C THR C 432 -18.60 -22.13 -13.07
N LYS C 433 -17.33 -21.90 -13.37
CA LYS C 433 -16.69 -22.61 -14.47
C LYS C 433 -16.64 -24.12 -14.19
N ILE C 434 -16.34 -24.50 -12.95
CA ILE C 434 -16.27 -25.91 -12.59
C ILE C 434 -17.65 -26.56 -12.73
N ASP C 435 -18.70 -25.88 -12.25
CA ASP C 435 -20.04 -26.44 -12.37
C ASP C 435 -20.46 -26.56 -13.82
N LEU C 436 -20.17 -25.55 -14.64
CA LEU C 436 -20.58 -25.58 -16.04
C LEU C 436 -19.84 -26.67 -16.82
N TRP C 437 -18.56 -26.87 -16.53
CA TRP C 437 -17.83 -27.93 -17.21
C TRP C 437 -18.21 -29.31 -16.67
N SER C 438 -18.62 -29.40 -15.40
CA SER C 438 -19.16 -30.65 -14.88
C SER C 438 -20.45 -31.02 -15.60
N TYR C 439 -21.33 -30.04 -15.82
CA TYR C 439 -22.57 -30.33 -16.53
C TYR C 439 -22.31 -30.62 -18.00
N ASN C 440 -21.35 -29.92 -18.60
CA ASN C 440 -21.02 -30.17 -20.00
C ASN C 440 -20.35 -31.52 -20.23
N ALA C 441 -19.93 -32.19 -19.16
CA ALA C 441 -19.32 -33.52 -19.29
C ALA C 441 -20.32 -34.61 -18.89
N GLN D 60 -20.96 -16.36 -39.38
CA GLN D 60 -20.77 -15.01 -39.88
C GLN D 60 -19.36 -14.53 -39.62
N ASN D 61 -18.58 -14.31 -40.68
CA ASN D 61 -17.18 -13.94 -40.56
C ASN D 61 -16.84 -12.82 -41.53
N SER D 62 -17.70 -11.80 -41.61
CA SER D 62 -17.45 -10.66 -42.48
C SER D 62 -18.21 -9.45 -41.94
N SER D 63 -17.55 -8.30 -41.95
CA SER D 63 -18.15 -7.06 -41.47
C SER D 63 -18.67 -6.23 -42.63
N ILE D 64 -19.73 -5.45 -42.35
CA ILE D 64 -20.27 -4.55 -43.35
C ILE D 64 -19.24 -3.50 -43.73
N GLY D 65 -18.56 -2.93 -42.73
CA GLY D 65 -17.54 -1.93 -42.96
C GLY D 65 -17.90 -0.53 -42.53
N GLU D 66 -19.00 -0.34 -41.79
CA GLU D 66 -19.41 0.98 -41.34
C GLU D 66 -20.31 0.84 -40.13
N ILE D 67 -20.27 1.84 -39.25
CA ILE D 67 -21.15 1.88 -38.08
C ILE D 67 -22.41 2.62 -38.49
N CYS D 68 -23.46 1.87 -38.78
CA CYS D 68 -24.71 2.46 -39.25
C CYS D 68 -25.39 3.24 -38.14
N ASP D 69 -25.92 4.41 -38.50
CA ASP D 69 -26.45 5.35 -37.52
C ASP D 69 -27.90 5.06 -37.12
N SER D 70 -28.51 3.99 -37.62
CA SER D 70 -29.87 3.65 -37.26
C SER D 70 -29.95 2.16 -36.94
N PRO D 71 -30.84 1.77 -36.02
CA PRO D 71 -31.77 2.59 -35.24
C PRO D 71 -31.13 3.20 -34.00
N HIS D 72 -30.00 2.65 -33.55
CA HIS D 72 -29.32 3.20 -32.39
C HIS D 72 -28.74 4.57 -32.71
N GLN D 73 -28.94 5.52 -31.81
CA GLN D 73 -28.38 6.86 -31.97
C GLN D 73 -26.88 6.79 -31.69
N ILE D 74 -26.08 7.18 -32.67
CA ILE D 74 -24.63 7.06 -32.60
C ILE D 74 -24.03 8.45 -32.49
N LEU D 75 -23.22 8.66 -31.46
CA LEU D 75 -22.49 9.91 -31.28
C LEU D 75 -21.05 9.68 -31.69
N ASP D 76 -20.55 10.49 -32.61
CA ASP D 76 -19.24 10.30 -33.21
C ASP D 76 -18.23 11.17 -32.47
N GLY D 77 -17.36 10.54 -31.70
CA GLY D 77 -16.29 11.24 -31.01
C GLY D 77 -15.10 11.46 -31.91
N GLU D 78 -15.21 12.46 -32.80
CA GLU D 78 -14.18 12.67 -33.82
C GLU D 78 -12.82 12.95 -33.20
N ASN D 79 -12.76 13.87 -32.23
CA ASN D 79 -11.51 14.23 -31.60
C ASN D 79 -11.51 13.95 -30.10
N CYS D 80 -12.56 14.32 -29.39
CA CYS D 80 -12.60 14.18 -27.94
C CYS D 80 -12.98 12.76 -27.54
N THR D 81 -12.37 12.28 -26.47
CA THR D 81 -12.85 11.08 -25.80
C THR D 81 -14.15 11.40 -25.06
N LEU D 82 -14.70 10.39 -24.39
CA LEU D 82 -15.88 10.63 -23.57
C LEU D 82 -15.58 11.59 -22.43
N ILE D 83 -14.43 11.43 -21.79
CA ILE D 83 -14.08 12.29 -20.66
C ILE D 83 -13.79 13.71 -21.13
N ASP D 84 -13.14 13.85 -22.28
CA ASP D 84 -12.85 15.20 -22.79
C ASP D 84 -14.14 15.96 -23.10
N ALA D 85 -15.12 15.28 -23.72
CA ALA D 85 -16.42 15.91 -23.94
C ALA D 85 -17.13 16.16 -22.62
N LEU D 86 -16.92 15.30 -21.63
CA LEU D 86 -17.55 15.46 -20.33
C LEU D 86 -17.04 16.71 -19.61
N LEU D 87 -15.73 16.96 -19.68
CA LEU D 87 -15.14 18.09 -18.99
C LEU D 87 -15.41 19.42 -19.69
N GLY D 88 -15.76 19.39 -20.98
CA GLY D 88 -15.96 20.61 -21.72
C GLY D 88 -14.69 21.08 -22.41
N ASP D 89 -14.05 20.17 -23.14
CA ASP D 89 -12.87 20.54 -23.91
C ASP D 89 -13.26 21.55 -24.98
N PRO D 90 -12.51 22.65 -25.13
CA PRO D 90 -12.89 23.66 -26.13
C PRO D 90 -12.94 23.13 -27.55
N GLN D 91 -12.15 22.10 -27.87
CA GLN D 91 -12.13 21.55 -29.23
C GLN D 91 -13.41 20.80 -29.58
N CYS D 92 -14.24 20.44 -28.62
CA CYS D 92 -15.46 19.68 -28.91
C CYS D 92 -16.66 20.27 -28.17
N ASP D 93 -16.79 21.60 -28.21
CA ASP D 93 -17.96 22.23 -27.61
C ASP D 93 -19.26 21.83 -28.31
N GLY D 94 -19.16 21.25 -29.51
CA GLY D 94 -20.35 20.72 -30.17
C GLY D 94 -20.93 19.50 -29.49
N PHE D 95 -20.16 18.85 -28.62
CA PHE D 95 -20.64 17.69 -27.87
C PHE D 95 -21.37 18.09 -26.59
N GLN D 96 -21.64 19.37 -26.40
CA GLN D 96 -22.27 19.82 -25.16
C GLN D 96 -23.74 19.40 -25.12
N ASN D 97 -24.14 18.81 -23.99
CA ASN D 97 -25.52 18.47 -23.68
C ASN D 97 -26.13 17.48 -24.67
N LYS D 98 -25.32 16.78 -25.45
CA LYS D 98 -25.85 15.82 -26.40
C LYS D 98 -26.18 14.49 -25.71
N LYS D 99 -27.00 13.70 -26.38
CA LYS D 99 -27.39 12.37 -25.92
C LYS D 99 -26.98 11.34 -26.94
N TRP D 100 -26.86 10.09 -26.49
CA TRP D 100 -26.41 9.03 -27.38
C TRP D 100 -26.90 7.68 -26.87
N ASP D 101 -26.95 6.72 -27.80
CA ASP D 101 -27.09 5.32 -27.46
C ASP D 101 -25.80 4.53 -27.67
N LEU D 102 -24.80 5.12 -28.31
CA LEU D 102 -23.46 4.54 -28.37
C LEU D 102 -22.47 5.67 -28.63
N PHE D 103 -21.40 5.71 -27.84
CA PHE D 103 -20.36 6.71 -27.95
C PHE D 103 -19.13 6.05 -28.57
N VAL D 104 -18.83 6.36 -29.82
CA VAL D 104 -17.69 5.79 -30.51
C VAL D 104 -16.50 6.75 -30.38
N GLU D 105 -15.36 6.20 -29.99
CA GLU D 105 -14.13 6.97 -29.82
C GLU D 105 -13.15 6.59 -30.91
N ARG D 106 -12.75 7.56 -31.72
CA ARG D 106 -11.78 7.30 -32.76
C ARG D 106 -10.39 7.10 -32.15
N SER D 107 -9.56 6.33 -32.86
CA SER D 107 -8.22 6.02 -32.37
C SER D 107 -7.31 7.25 -32.36
N LYS D 108 -7.66 8.29 -33.11
CA LYS D 108 -6.88 9.53 -33.15
C LYS D 108 -7.30 10.53 -32.09
N ALA D 109 -7.97 10.07 -31.02
CA ALA D 109 -8.42 10.97 -29.97
C ALA D 109 -7.23 11.58 -29.24
N TYR D 110 -7.32 12.87 -28.95
CA TYR D 110 -6.25 13.59 -28.26
C TYR D 110 -6.87 14.71 -27.45
N SER D 111 -6.07 15.27 -26.54
CA SER D 111 -6.50 16.35 -25.68
C SER D 111 -5.70 17.61 -25.96
N ASN D 112 -6.30 18.76 -25.66
CA ASN D 112 -5.66 20.05 -25.90
C ASN D 112 -5.72 21.00 -24.71
N CYS D 113 -6.64 20.80 -23.76
CA CYS D 113 -6.74 21.64 -22.58
C CYS D 113 -5.71 21.21 -21.55
N TYR D 114 -5.86 21.66 -20.31
CA TYR D 114 -4.88 21.40 -19.28
C TYR D 114 -4.69 19.90 -19.09
N PRO D 115 -3.46 19.42 -18.95
CA PRO D 115 -3.23 17.98 -18.83
C PRO D 115 -3.74 17.44 -17.51
N TYR D 116 -4.83 16.67 -17.56
CA TYR D 116 -5.48 16.14 -16.37
C TYR D 116 -5.13 14.66 -16.20
N ASP D 117 -5.72 14.06 -15.16
CA ASP D 117 -5.58 12.64 -14.90
C ASP D 117 -6.67 12.24 -13.92
N VAL D 118 -7.25 11.07 -14.13
CA VAL D 118 -8.44 10.64 -13.40
C VAL D 118 -8.11 9.39 -12.59
N PRO D 119 -8.18 9.44 -11.26
CA PRO D 119 -8.18 8.20 -10.48
C PRO D 119 -9.41 7.38 -10.84
N ASP D 120 -9.24 6.06 -10.80
CA ASP D 120 -10.24 5.09 -11.29
C ASP D 120 -10.89 5.59 -12.58
N TYR D 121 -10.04 5.93 -13.54
CA TYR D 121 -10.49 6.49 -14.81
C TYR D 121 -11.45 5.55 -15.52
N ALA D 122 -11.16 4.25 -15.48
CA ALA D 122 -12.04 3.28 -16.13
C ALA D 122 -13.43 3.28 -15.51
N SER D 123 -13.51 3.36 -14.18
CA SER D 123 -14.80 3.35 -13.51
C SER D 123 -15.64 4.56 -13.89
N LEU D 124 -15.03 5.75 -13.86
CA LEU D 124 -15.76 6.96 -14.23
C LEU D 124 -16.19 6.91 -15.69
N ARG D 125 -15.30 6.46 -16.58
CA ARG D 125 -15.64 6.38 -17.99
C ARG D 125 -16.80 5.42 -18.22
N SER D 126 -16.76 4.25 -17.57
CA SER D 126 -17.84 3.29 -17.71
C SER D 126 -19.15 3.85 -17.18
N LEU D 127 -19.11 4.52 -16.03
CA LEU D 127 -20.32 5.09 -15.44
C LEU D 127 -20.94 6.13 -16.36
N VAL D 128 -20.11 7.04 -16.89
CA VAL D 128 -20.64 8.10 -17.75
C VAL D 128 -21.13 7.51 -19.07
N ALA D 129 -20.43 6.51 -19.60
CA ALA D 129 -20.86 5.88 -20.84
C ALA D 129 -22.20 5.18 -20.67
N SER D 130 -22.39 4.47 -19.56
CA SER D 130 -23.66 3.81 -19.30
C SER D 130 -24.76 4.81 -18.97
N SER D 131 -24.39 6.00 -18.50
CA SER D 131 -25.39 7.05 -18.28
C SER D 131 -26.07 7.44 -19.58
N GLY D 132 -25.29 7.59 -20.65
CA GLY D 132 -25.85 7.94 -21.95
C GLY D 132 -26.57 9.26 -21.98
N THR D 133 -26.09 10.24 -21.22
CA THR D 133 -26.78 11.53 -21.11
C THR D 133 -25.77 12.56 -20.64
N LEU D 134 -25.54 13.58 -21.46
CA LEU D 134 -24.72 14.73 -21.10
C LEU D 134 -25.55 15.94 -20.70
N GLU D 135 -26.83 15.72 -20.40
CA GLU D 135 -27.67 16.82 -19.92
C GLU D 135 -27.12 17.35 -18.61
N PHE D 136 -26.91 18.66 -18.56
CA PHE D 136 -26.24 19.31 -17.46
C PHE D 136 -27.02 20.57 -17.11
N LYS D 137 -26.92 20.99 -15.85
CA LYS D 137 -27.58 22.22 -15.42
C LYS D 137 -26.58 23.08 -14.65
N ASN D 138 -26.51 24.36 -15.00
CA ASN D 138 -25.77 25.31 -14.18
C ASN D 138 -26.47 25.45 -12.83
N GLU D 139 -25.71 25.81 -11.80
CA GLU D 139 -26.25 25.86 -10.45
C GLU D 139 -25.72 27.08 -9.72
N SER D 140 -26.47 27.51 -8.70
CA SER D 140 -26.13 28.69 -7.92
C SER D 140 -25.23 28.30 -6.74
N PHE D 141 -24.00 27.89 -7.08
CA PHE D 141 -23.00 27.66 -6.07
C PHE D 141 -22.54 28.99 -5.47
N ASN D 142 -22.29 28.99 -4.16
CA ASN D 142 -21.96 30.21 -3.44
C ASN D 142 -20.44 30.35 -3.31
N TRP D 143 -19.80 30.57 -4.46
CA TRP D 143 -18.35 30.79 -4.51
C TRP D 143 -18.05 32.27 -4.35
N THR D 144 -18.32 32.76 -3.14
CA THR D 144 -18.05 34.15 -2.80
C THR D 144 -16.86 34.23 -1.85
N GLY D 145 -16.17 35.37 -1.89
CA GLY D 145 -14.92 35.51 -1.20
C GLY D 145 -13.71 35.02 -1.98
N VAL D 146 -13.92 34.42 -3.15
CA VAL D 146 -12.85 33.99 -4.04
C VAL D 146 -13.24 34.36 -5.46
N THR D 147 -12.24 34.54 -6.31
CA THR D 147 -12.51 34.85 -7.70
C THR D 147 -12.53 33.54 -8.50
N GLN D 148 -13.36 33.51 -9.53
CA GLN D 148 -13.64 32.30 -10.28
C GLN D 148 -13.08 32.43 -11.69
N ASN D 149 -13.34 31.41 -12.51
CA ASN D 149 -12.97 31.38 -13.91
C ASN D 149 -11.45 31.51 -14.09
N GLY D 150 -10.72 30.59 -13.48
CA GLY D 150 -9.31 30.48 -13.75
C GLY D 150 -9.06 30.08 -15.20
N THR D 151 -8.01 30.64 -15.78
CA THR D 151 -7.73 30.46 -17.19
C THR D 151 -6.31 29.96 -17.38
N SER D 152 -6.08 29.26 -18.49
CA SER D 152 -4.77 28.71 -18.78
C SER D 152 -4.44 28.93 -20.26
N SER D 153 -3.13 28.97 -20.54
CA SER D 153 -2.68 29.22 -21.91
C SER D 153 -3.07 28.07 -22.84
N ALA D 154 -3.08 26.84 -22.33
CA ALA D 154 -3.32 25.69 -23.20
C ALA D 154 -4.73 25.68 -23.77
N CYS D 155 -5.73 25.98 -22.94
CA CYS D 155 -7.14 25.83 -23.33
C CYS D 155 -7.62 27.10 -24.04
N ILE D 156 -7.18 27.25 -25.28
CA ILE D 156 -7.58 28.38 -26.11
C ILE D 156 -8.85 28.02 -26.87
N ARG D 157 -9.89 28.84 -26.73
CA ARG D 157 -11.10 28.74 -27.53
C ARG D 157 -11.29 30.07 -28.26
N GLY D 158 -11.40 30.00 -29.58
CA GLY D 158 -11.44 31.23 -30.36
C GLY D 158 -10.22 32.10 -30.16
N SER D 159 -9.04 31.48 -30.06
CA SER D 159 -7.75 32.13 -29.86
C SER D 159 -7.66 32.90 -28.55
N SER D 160 -8.60 32.71 -27.63
CA SER D 160 -8.59 33.37 -26.34
C SER D 160 -8.35 32.37 -25.23
N SER D 161 -7.57 32.77 -24.23
CA SER D 161 -7.28 31.90 -23.10
C SER D 161 -8.56 31.54 -22.35
N SER D 162 -8.70 30.26 -22.01
CA SER D 162 -9.90 29.76 -21.36
C SER D 162 -9.53 28.56 -20.50
N PHE D 163 -10.53 27.76 -20.12
CA PHE D 163 -10.34 26.55 -19.33
C PHE D 163 -11.43 25.56 -19.72
N PHE D 164 -11.65 24.55 -18.88
CA PHE D 164 -12.74 23.61 -19.12
C PHE D 164 -14.09 24.33 -19.02
N SER D 165 -15.04 23.88 -19.84
CA SER D 165 -16.35 24.51 -19.85
C SER D 165 -17.17 24.12 -18.64
N ARG D 166 -17.09 22.86 -18.21
CA ARG D 166 -17.90 22.36 -17.11
C ARG D 166 -17.25 22.52 -15.74
N LEU D 167 -16.01 22.98 -15.68
CA LEU D 167 -15.27 23.14 -14.43
C LEU D 167 -14.99 24.61 -14.17
N ASN D 168 -14.93 24.96 -12.89
CA ASN D 168 -14.69 26.33 -12.45
C ASN D 168 -13.41 26.34 -11.61
N TRP D 169 -12.33 26.88 -12.17
CA TRP D 169 -11.04 26.90 -11.49
C TRP D 169 -11.01 28.07 -10.52
N LEU D 170 -11.23 27.79 -9.24
CA LEU D 170 -11.20 28.85 -8.24
C LEU D 170 -9.76 29.23 -7.91
N THR D 171 -9.53 30.52 -7.75
CA THR D 171 -8.21 31.00 -7.38
C THR D 171 -8.37 32.19 -6.43
N HIS D 172 -7.28 32.59 -5.79
CA HIS D 172 -7.35 33.53 -4.68
C HIS D 172 -7.87 34.89 -5.12
N LEU D 173 -8.55 35.57 -4.21
CA LEU D 173 -9.02 36.94 -4.41
C LEU D 173 -8.28 37.85 -3.43
N ASN D 174 -7.62 38.87 -3.98
CA ASN D 174 -6.88 39.86 -3.17
C ASN D 174 -5.88 39.19 -2.24
N TYR D 175 -5.16 38.19 -2.78
CA TYR D 175 -4.18 37.43 -2.01
C TYR D 175 -4.81 36.82 -0.77
N THR D 176 -6.04 36.33 -0.90
CA THR D 176 -6.75 35.73 0.21
C THR D 176 -7.67 34.64 -0.32
N TYR D 177 -7.62 33.47 0.31
CA TYR D 177 -8.46 32.33 -0.05
C TYR D 177 -9.15 31.81 1.19
N PRO D 178 -10.32 32.35 1.53
CA PRO D 178 -11.03 31.89 2.71
C PRO D 178 -11.49 30.45 2.57
N ALA D 179 -11.61 29.77 3.69
CA ALA D 179 -12.07 28.38 3.69
C ALA D 179 -13.49 28.31 3.17
N LEU D 180 -13.73 27.38 2.26
CA LEU D 180 -15.03 27.23 1.61
C LEU D 180 -15.81 26.11 2.30
N ASN D 181 -17.03 26.42 2.74
CA ASN D 181 -17.99 25.45 3.26
C ASN D 181 -19.33 25.75 2.59
N VAL D 182 -19.59 25.10 1.47
CA VAL D 182 -20.83 25.32 0.72
C VAL D 182 -21.65 24.04 0.74
N THR D 183 -22.96 24.21 0.64
CA THR D 183 -23.89 23.08 0.65
C THR D 183 -24.86 23.23 -0.51
N MET D 184 -25.34 22.09 -1.00
CA MET D 184 -26.29 22.08 -2.11
C MET D 184 -27.17 20.84 -2.04
N PRO D 185 -28.38 20.95 -1.51
CA PRO D 185 -29.24 19.77 -1.38
C PRO D 185 -29.77 19.31 -2.73
N ASN D 186 -30.12 18.02 -2.78
CA ASN D 186 -30.78 17.43 -3.94
C ASN D 186 -32.26 17.25 -3.59
N ASN D 187 -33.06 18.25 -3.94
CA ASN D 187 -34.49 18.21 -3.72
C ASN D 187 -35.27 17.74 -4.94
N GLU D 188 -34.58 17.28 -5.98
CA GLU D 188 -35.24 16.81 -7.18
C GLU D 188 -35.68 15.36 -7.01
N GLN D 189 -36.28 14.81 -8.07
CA GLN D 189 -36.80 13.45 -8.05
C GLN D 189 -35.83 12.43 -8.62
N PHE D 190 -34.63 12.86 -9.02
CA PHE D 190 -33.71 11.97 -9.73
C PHE D 190 -32.33 12.02 -9.08
N ASP D 191 -31.61 10.91 -9.22
CA ASP D 191 -30.21 10.86 -8.79
C ASP D 191 -29.38 11.80 -9.64
N LYS D 192 -28.41 12.47 -9.01
CA LYS D 192 -27.61 13.47 -9.70
C LYS D 192 -26.13 13.20 -9.47
N LEU D 193 -25.30 13.77 -10.33
CA LEU D 193 -23.86 13.55 -10.29
C LEU D 193 -23.12 14.88 -10.36
N TYR D 194 -22.03 14.99 -9.59
CA TYR D 194 -21.15 16.14 -9.61
C TYR D 194 -19.73 15.67 -9.94
N ILE D 195 -19.01 16.47 -10.72
CA ILE D 195 -17.64 16.17 -11.08
C ILE D 195 -16.77 17.36 -10.70
N TRP D 196 -15.79 17.12 -9.84
CA TRP D 196 -14.92 18.18 -9.36
C TRP D 196 -13.46 17.77 -9.57
N GLY D 197 -12.53 18.56 -9.04
CA GLY D 197 -11.13 18.24 -9.24
C GLY D 197 -10.24 19.00 -8.29
N VAL D 198 -8.97 18.63 -8.31
CA VAL D 198 -7.96 19.24 -7.47
C VAL D 198 -6.74 19.57 -8.34
N HIS D 199 -6.21 20.77 -8.15
CA HIS D 199 -5.03 21.21 -8.88
C HIS D 199 -3.77 20.67 -8.21
N HIS D 200 -2.72 20.49 -9.01
CA HIS D 200 -1.41 20.02 -8.56
C HIS D 200 -0.36 20.91 -9.19
N PRO D 201 -0.03 22.03 -8.57
CA PRO D 201 1.00 22.93 -9.11
C PRO D 201 2.36 22.24 -9.14
N GLY D 202 3.17 22.63 -10.13
CA GLY D 202 4.50 22.06 -10.25
C GLY D 202 5.52 22.59 -9.29
N THR D 203 5.22 23.67 -8.57
CA THR D 203 6.18 24.28 -7.67
C THR D 203 5.43 24.95 -6.53
N ASP D 204 6.05 24.98 -5.35
CA ASP D 204 5.45 25.66 -4.21
C ASP D 204 5.25 27.14 -4.50
N LYS D 205 6.13 27.75 -5.28
CA LYS D 205 5.92 29.13 -5.70
C LYS D 205 4.67 29.26 -6.55
N ASP D 206 4.42 28.28 -7.42
CA ASP D 206 3.16 28.27 -8.18
C ASP D 206 1.96 28.16 -7.25
N GLN D 207 2.07 27.34 -6.20
CA GLN D 207 1.00 27.21 -5.23
C GLN D 207 0.71 28.54 -4.54
N ILE D 208 1.77 29.24 -4.13
CA ILE D 208 1.61 30.53 -3.48
C ILE D 208 1.01 31.54 -4.46
N PHE D 209 1.42 31.48 -5.72
CA PHE D 209 0.88 32.38 -6.74
C PHE D 209 -0.61 32.14 -6.94
N LEU D 210 -1.04 30.88 -6.94
CA LEU D 210 -2.42 30.55 -7.28
C LEU D 210 -3.36 30.73 -6.10
N TYR D 211 -3.01 30.19 -4.93
CA TYR D 211 -3.92 30.16 -3.80
C TYR D 211 -3.44 30.93 -2.58
N ALA D 212 -2.17 31.33 -2.54
CA ALA D 212 -1.61 32.18 -1.49
C ALA D 212 -1.47 31.45 -0.16
N GLN D 213 -1.97 30.21 -0.09
CA GLN D 213 -1.81 29.35 1.07
C GLN D 213 -1.31 28.00 0.60
N SER D 214 -0.20 27.53 1.19
CA SER D 214 0.38 26.25 0.81
C SER D 214 -0.30 25.07 1.51
N SER D 215 -1.07 25.31 2.57
CA SER D 215 -1.76 24.23 3.29
C SER D 215 -3.11 23.96 2.62
N GLY D 216 -3.03 23.34 1.44
CA GLY D 216 -4.21 23.01 0.68
C GLY D 216 -4.72 21.61 0.96
N ARG D 217 -5.98 21.53 1.38
CA ARG D 217 -6.66 20.25 1.54
C ARG D 217 -8.13 20.43 1.22
N ILE D 218 -8.81 19.32 0.91
CA ILE D 218 -10.15 19.38 0.35
C ILE D 218 -10.89 18.08 0.68
N THR D 219 -12.18 18.20 1.01
CA THR D 219 -13.06 17.08 1.22
C THR D 219 -14.47 17.44 0.77
N VAL D 220 -15.15 16.47 0.15
CA VAL D 220 -16.54 16.60 -0.26
C VAL D 220 -17.32 15.48 0.41
N SER D 221 -18.36 15.85 1.15
CA SER D 221 -19.09 14.90 1.99
C SER D 221 -20.58 14.97 1.73
N THR D 222 -21.22 13.82 1.76
CA THR D 222 -22.66 13.72 1.63
C THR D 222 -23.23 13.10 2.90
N LYS D 223 -24.56 12.91 2.91
CA LYS D 223 -25.19 12.26 4.04
C LYS D 223 -24.78 10.80 4.18
N ARG D 224 -24.24 10.21 3.11
CA ARG D 224 -23.86 8.80 3.11
C ARG D 224 -22.42 8.60 3.54
N SER D 225 -21.47 9.25 2.86
CA SER D 225 -20.05 9.07 3.14
C SER D 225 -19.33 10.38 2.83
N GLN D 226 -18.00 10.31 2.80
CA GLN D 226 -17.18 11.47 2.51
C GLN D 226 -15.97 11.03 1.69
N GLN D 227 -15.34 12.00 1.03
CA GLN D 227 -14.14 11.73 0.24
C GLN D 227 -13.21 12.94 0.35
N ALA D 228 -12.00 12.71 0.84
CA ALA D 228 -11.03 13.77 1.04
C ALA D 228 -9.75 13.43 0.31
N VAL D 229 -9.15 14.44 -0.33
CA VAL D 229 -7.93 14.24 -1.09
C VAL D 229 -6.92 15.33 -0.73
N ILE D 230 -5.65 15.03 -0.92
CA ILE D 230 -4.55 15.92 -0.60
C ILE D 230 -3.80 16.24 -1.88
N PRO D 231 -3.70 17.51 -2.29
CA PRO D 231 -2.89 17.86 -3.47
C PRO D 231 -1.41 17.72 -3.18
N ASN D 232 -0.70 17.07 -4.11
CA ASN D 232 0.73 16.83 -3.98
C ASN D 232 1.49 17.90 -4.76
N ILE D 233 2.10 18.84 -4.04
CA ILE D 233 2.89 19.87 -4.68
C ILE D 233 4.21 19.27 -5.12
N GLY D 234 4.50 19.37 -6.41
CA GLY D 234 5.72 18.79 -6.94
C GLY D 234 5.78 18.87 -8.46
N SER D 235 6.97 18.67 -9.02
CA SER D 235 7.14 18.80 -10.46
C SER D 235 6.76 17.50 -11.17
N ARG D 236 6.30 17.64 -12.40
CA ARG D 236 5.93 16.55 -13.29
C ARG D 236 6.57 16.80 -14.63
N PRO D 237 6.70 15.77 -15.47
CA PRO D 237 7.21 16.01 -16.83
C PRO D 237 6.32 16.99 -17.57
N ARG D 238 6.96 17.88 -18.31
CA ARG D 238 6.27 19.00 -18.95
C ARG D 238 5.61 18.50 -20.23
N ILE D 239 4.36 18.09 -20.12
CA ILE D 239 3.57 17.68 -21.28
C ILE D 239 2.77 18.87 -21.77
N ARG D 240 2.91 19.18 -23.06
CA ARG D 240 2.24 20.33 -23.67
C ARG D 240 2.56 21.61 -22.90
N ASP D 241 3.84 21.78 -22.56
CA ASP D 241 4.38 23.02 -22.00
C ASP D 241 3.77 23.37 -20.65
N ILE D 242 3.36 22.38 -19.87
CA ILE D 242 2.81 22.63 -18.54
C ILE D 242 3.35 21.62 -17.55
N PRO D 243 4.15 22.03 -16.55
CA PRO D 243 4.64 21.11 -15.53
C PRO D 243 3.69 21.00 -14.33
N SER D 244 2.41 20.79 -14.60
CA SER D 244 1.39 20.76 -13.55
C SER D 244 0.34 19.72 -13.92
N ARG D 245 -0.46 19.33 -12.93
CA ARG D 245 -1.45 18.29 -13.14
C ARG D 245 -2.79 18.70 -12.54
N ILE D 246 -3.85 18.01 -12.98
CA ILE D 246 -5.18 18.18 -12.42
C ILE D 246 -5.79 16.80 -12.25
N SER D 247 -6.30 16.51 -11.05
CA SER D 247 -7.00 15.26 -10.79
C SER D 247 -8.50 15.51 -10.80
N ILE D 248 -9.26 14.55 -11.32
CA ILE D 248 -10.70 14.69 -11.50
C ILE D 248 -11.40 13.61 -10.69
N TYR D 249 -12.35 14.01 -9.86
CA TYR D 249 -13.13 13.10 -9.04
C TYR D 249 -14.62 13.30 -9.30
N TRP D 250 -15.42 12.34 -8.83
CA TRP D 250 -16.85 12.33 -9.05
C TRP D 250 -17.57 11.93 -7.79
N THR D 251 -18.79 12.44 -7.63
CA THR D 251 -19.62 12.14 -6.47
C THR D 251 -21.06 12.05 -6.95
N ILE D 252 -21.85 11.20 -6.29
CA ILE D 252 -23.23 10.95 -6.67
C ILE D 252 -24.13 11.31 -5.50
N VAL D 253 -25.13 12.14 -5.77
CA VAL D 253 -26.06 12.62 -4.75
C VAL D 253 -27.44 12.07 -5.07
N LYS D 254 -27.93 11.17 -4.23
CA LYS D 254 -29.27 10.64 -4.35
C LYS D 254 -30.29 11.70 -3.94
N PRO D 255 -31.53 11.57 -4.39
CA PRO D 255 -32.57 12.47 -3.89
C PRO D 255 -32.69 12.38 -2.38
N GLY D 256 -32.85 13.54 -1.75
CA GLY D 256 -32.89 13.62 -0.31
C GLY D 256 -31.54 13.75 0.35
N ASP D 257 -30.46 13.59 -0.40
CA ASP D 257 -29.12 13.77 0.14
C ASP D 257 -28.67 15.23 -0.02
N ILE D 258 -27.57 15.55 0.63
CA ILE D 258 -27.01 16.90 0.63
C ILE D 258 -25.52 16.79 0.40
N LEU D 259 -25.00 17.48 -0.61
CA LEU D 259 -23.57 17.52 -0.90
C LEU D 259 -22.98 18.79 -0.31
N LEU D 260 -21.91 18.62 0.47
CA LEU D 260 -21.18 19.73 1.06
C LEU D 260 -19.76 19.70 0.54
N ILE D 261 -19.33 20.84 -0.01
CA ILE D 261 -17.95 21.02 -0.47
C ILE D 261 -17.21 21.81 0.60
N ASN D 262 -16.09 21.26 1.06
CA ASN D 262 -15.30 21.86 2.13
C ASN D 262 -13.85 21.86 1.66
N SER D 263 -13.21 23.03 1.71
CA SER D 263 -11.85 23.11 1.19
C SER D 263 -11.14 24.33 1.74
N THR D 264 -9.95 24.13 2.30
CA THR D 264 -9.12 25.25 2.71
C THR D 264 -8.36 25.87 1.55
N GLY D 265 -8.43 25.26 0.38
CA GLY D 265 -7.73 25.76 -0.79
C GLY D 265 -7.50 24.66 -1.79
N ASN D 266 -7.04 25.07 -2.97
CA ASN D 266 -6.67 24.15 -4.05
C ASN D 266 -7.87 23.28 -4.46
N LEU D 267 -8.91 23.94 -4.98
CA LEU D 267 -10.16 23.30 -5.36
C LEU D 267 -10.57 23.74 -6.74
N ILE D 268 -10.98 22.78 -7.57
CA ILE D 268 -11.56 23.05 -8.89
C ILE D 268 -13.02 22.62 -8.80
N ALA D 269 -13.92 23.60 -8.68
CA ALA D 269 -15.31 23.34 -8.39
C ALA D 269 -16.07 22.89 -9.64
N PRO D 270 -17.20 22.21 -9.46
CA PRO D 270 -18.12 22.00 -10.58
C PRO D 270 -19.02 23.20 -10.80
N ARG D 271 -19.47 23.35 -12.04
CA ARG D 271 -20.41 24.39 -12.40
C ARG D 271 -21.87 23.95 -12.27
N GLY D 272 -22.10 22.70 -11.91
CA GLY D 272 -23.46 22.20 -11.79
C GLY D 272 -23.48 20.70 -11.64
N TYR D 273 -24.53 20.08 -12.19
CA TYR D 273 -24.72 18.65 -12.09
C TYR D 273 -25.14 18.05 -13.43
N PHE D 274 -24.79 16.79 -13.60
CA PHE D 274 -25.21 15.97 -14.74
C PHE D 274 -26.30 15.00 -14.30
N LYS D 275 -27.30 14.83 -15.15
CA LYS D 275 -28.32 13.81 -14.90
C LYS D 275 -27.72 12.43 -15.12
N ILE D 276 -28.03 11.51 -14.21
CA ILE D 276 -27.55 10.14 -14.30
C ILE D 276 -28.77 9.21 -14.29
N ARG D 277 -28.77 8.23 -15.19
CA ARG D 277 -29.92 7.37 -15.40
C ARG D 277 -29.45 5.97 -15.76
N SER D 278 -30.37 5.01 -15.70
CA SER D 278 -30.09 3.64 -16.12
C SER D 278 -30.16 3.56 -17.64
N GLY D 279 -29.14 4.12 -18.27
CA GLY D 279 -29.15 4.26 -19.72
C GLY D 279 -28.86 2.93 -20.42
N LYS D 280 -29.54 2.72 -21.55
CA LYS D 280 -29.28 1.56 -22.39
C LYS D 280 -27.92 1.63 -23.08
N SER D 281 -27.38 2.84 -23.23
CA SER D 281 -26.20 3.07 -24.06
C SER D 281 -24.97 2.38 -23.48
N SER D 282 -23.88 2.46 -24.23
CA SER D 282 -22.59 1.92 -23.82
C SER D 282 -21.50 2.78 -24.45
N ILE D 283 -20.28 2.26 -24.51
CA ILE D 283 -19.17 2.95 -25.15
C ILE D 283 -18.49 1.99 -26.11
N MET D 284 -17.70 2.56 -27.02
CA MET D 284 -17.08 1.81 -28.10
C MET D 284 -15.85 2.58 -28.57
N ARG D 285 -14.80 1.83 -28.93
CA ARG D 285 -13.62 2.42 -29.55
C ARG D 285 -13.44 1.79 -30.92
N SER D 286 -13.44 2.62 -31.97
CA SER D 286 -13.31 2.13 -33.33
C SER D 286 -12.99 3.31 -34.24
N ASP D 287 -12.44 2.99 -35.41
CA ASP D 287 -12.14 3.99 -36.43
C ASP D 287 -13.00 3.84 -37.67
N ALA D 288 -14.06 3.04 -37.62
CA ALA D 288 -14.88 2.81 -38.79
C ALA D 288 -15.75 4.04 -39.09
N PRO D 289 -15.97 4.35 -40.36
CA PRO D 289 -16.83 5.49 -40.70
C PRO D 289 -18.29 5.21 -40.38
N ILE D 290 -19.05 6.30 -40.23
CA ILE D 290 -20.47 6.22 -39.95
C ILE D 290 -21.23 5.90 -41.23
N GLY D 291 -22.15 4.94 -41.16
CA GLY D 291 -22.91 4.48 -42.29
C GLY D 291 -24.37 4.89 -42.24
N LYS D 292 -25.20 4.14 -42.98
CA LYS D 292 -26.61 4.47 -43.10
C LYS D 292 -27.52 3.25 -43.08
N CYS D 293 -27.01 2.05 -42.82
CA CYS D 293 -27.82 0.84 -42.89
C CYS D 293 -28.71 0.73 -41.65
N LYS D 294 -29.42 -0.39 -41.51
CA LYS D 294 -30.44 -0.54 -40.47
C LYS D 294 -30.24 -1.80 -39.64
N SER D 295 -29.04 -2.37 -39.62
CA SER D 295 -28.82 -3.55 -38.78
C SER D 295 -28.65 -3.15 -37.32
N GLU D 296 -28.90 -4.11 -36.43
CA GLU D 296 -29.00 -3.85 -35.00
C GLU D 296 -27.64 -3.87 -34.29
N CYS D 297 -26.83 -4.88 -34.54
CA CYS D 297 -25.59 -5.04 -33.79
C CYS D 297 -24.50 -4.10 -34.31
N ILE D 298 -23.67 -3.63 -33.38
CA ILE D 298 -22.56 -2.75 -33.71
C ILE D 298 -21.28 -3.42 -33.25
N THR D 299 -20.20 -3.16 -34.00
CA THR D 299 -18.91 -3.81 -33.79
C THR D 299 -17.83 -2.90 -34.35
N PRO D 300 -16.65 -2.84 -33.74
CA PRO D 300 -15.61 -1.94 -34.25
C PRO D 300 -15.23 -2.16 -35.71
N ASN D 301 -15.26 -3.41 -36.19
CA ASN D 301 -15.03 -3.63 -37.62
C ASN D 301 -16.15 -3.05 -38.47
N GLY D 302 -17.31 -2.88 -37.90
CA GLY D 302 -18.48 -2.39 -38.63
C GLY D 302 -19.72 -3.05 -38.08
N SER D 303 -20.87 -2.66 -38.66
CA SER D 303 -22.12 -3.27 -38.24
C SER D 303 -22.17 -4.71 -38.70
N ILE D 304 -22.97 -5.51 -37.99
CA ILE D 304 -23.02 -6.94 -38.25
C ILE D 304 -24.47 -7.40 -38.39
N PRO D 305 -24.82 -8.10 -39.45
CA PRO D 305 -26.17 -8.66 -39.58
C PRO D 305 -26.36 -9.88 -38.70
N ASN D 306 -27.63 -10.22 -38.48
CA ASN D 306 -28.01 -11.33 -37.60
C ASN D 306 -28.33 -12.60 -38.40
N ASP D 307 -27.62 -12.84 -39.50
CA ASP D 307 -27.90 -14.01 -40.32
C ASP D 307 -27.63 -15.30 -39.56
N LYS D 308 -26.53 -15.38 -38.82
CA LYS D 308 -26.21 -16.58 -38.07
C LYS D 308 -25.83 -16.20 -36.64
N PRO D 309 -26.28 -16.96 -35.64
CA PRO D 309 -26.05 -16.57 -34.25
C PRO D 309 -24.61 -16.67 -33.78
N PHE D 310 -23.68 -17.11 -34.61
CA PHE D 310 -22.28 -17.23 -34.23
C PHE D 310 -21.42 -16.40 -35.17
N GLN D 311 -20.61 -15.50 -34.62
CA GLN D 311 -19.80 -14.58 -35.39
C GLN D 311 -18.36 -14.64 -34.91
N ASN D 312 -17.46 -14.12 -35.76
CA ASN D 312 -16.02 -14.14 -35.48
C ASN D 312 -15.35 -12.78 -35.62
N VAL D 313 -16.09 -11.72 -35.93
CA VAL D 313 -15.46 -10.45 -36.29
C VAL D 313 -14.74 -9.84 -35.09
N ASN D 314 -15.42 -9.76 -33.95
CA ASN D 314 -14.86 -9.07 -32.79
C ASN D 314 -15.70 -9.38 -31.56
N ARG D 315 -15.03 -9.42 -30.40
CA ARG D 315 -15.70 -9.79 -29.16
C ARG D 315 -16.58 -8.66 -28.64
N ILE D 316 -16.12 -7.41 -28.73
CA ILE D 316 -16.91 -6.29 -28.22
C ILE D 316 -18.17 -6.17 -29.04
N THR D 317 -19.32 -6.24 -28.37
CA THR D 317 -20.61 -6.28 -29.03
C THR D 317 -21.58 -5.35 -28.31
N TYR D 318 -22.61 -4.93 -29.04
CA TYR D 318 -23.63 -4.04 -28.49
C TYR D 318 -24.97 -4.34 -29.16
N GLY D 319 -26.02 -4.43 -28.35
CA GLY D 319 -27.36 -4.65 -28.87
C GLY D 319 -27.63 -6.11 -29.20
N ALA D 320 -28.75 -6.32 -29.87
CA ALA D 320 -29.14 -7.66 -30.31
C ALA D 320 -28.14 -8.15 -31.33
N CYS D 321 -27.32 -9.12 -30.95
CA CYS D 321 -26.16 -9.53 -31.74
C CYS D 321 -25.99 -11.04 -31.66
N PRO D 322 -25.32 -11.63 -32.65
CA PRO D 322 -24.78 -12.98 -32.45
C PRO D 322 -23.69 -12.96 -31.39
N ARG D 323 -23.13 -14.12 -31.07
CA ARG D 323 -22.09 -14.22 -30.06
C ARG D 323 -20.77 -14.64 -30.68
N TYR D 324 -19.68 -14.24 -30.03
CA TYR D 324 -18.35 -14.50 -30.55
C TYR D 324 -17.93 -15.93 -30.28
N VAL D 325 -17.37 -16.58 -31.29
CA VAL D 325 -16.88 -17.96 -31.20
C VAL D 325 -15.51 -18.01 -31.87
N LYS D 326 -14.54 -18.63 -31.18
CA LYS D 326 -13.19 -18.71 -31.72
C LYS D 326 -13.14 -19.50 -33.03
N GLN D 327 -14.05 -20.45 -33.20
CA GLN D 327 -14.05 -21.27 -34.41
C GLN D 327 -14.29 -20.42 -35.64
N SER D 328 -13.50 -20.66 -36.68
CA SER D 328 -13.60 -19.90 -37.92
C SER D 328 -14.88 -20.25 -38.68
N PHE D 408 -26.45 -5.17 -23.22
CA PHE D 408 -26.02 -3.96 -23.92
C PHE D 408 -24.68 -3.46 -23.40
N HIS D 409 -24.71 -2.76 -22.27
CA HIS D 409 -23.49 -2.22 -21.68
C HIS D 409 -22.64 -3.37 -21.13
N GLN D 410 -21.51 -3.64 -21.78
CA GLN D 410 -20.61 -4.71 -21.41
C GLN D 410 -19.36 -4.17 -20.72
N ILE D 411 -18.53 -5.10 -20.24
CA ILE D 411 -17.26 -4.72 -19.65
C ILE D 411 -16.22 -4.50 -20.73
N GLU D 412 -15.19 -3.73 -20.41
CA GLU D 412 -14.12 -3.45 -21.35
C GLU D 412 -13.34 -4.72 -21.64
N LYS D 413 -13.13 -5.01 -22.93
CA LYS D 413 -12.51 -6.25 -23.36
C LYS D 413 -11.12 -6.06 -23.95
N GLU D 414 -10.66 -4.82 -24.11
CA GLU D 414 -9.34 -4.54 -24.66
C GLU D 414 -8.62 -3.53 -23.78
N PHE D 415 -7.30 -3.68 -23.70
CA PHE D 415 -6.49 -2.81 -22.86
C PHE D 415 -5.20 -2.46 -23.58
N SER D 416 -4.63 -1.31 -23.21
CA SER D 416 -3.34 -0.88 -23.71
C SER D 416 -2.28 -0.82 -22.63
N GLU D 417 -2.62 -1.18 -21.39
CA GLU D 417 -1.69 -1.15 -20.26
C GLU D 417 -2.00 -2.33 -19.36
N VAL D 418 -1.04 -2.65 -18.49
CA VAL D 418 -1.14 -3.76 -17.56
C VAL D 418 -1.31 -3.20 -16.15
N GLU D 419 -2.35 -3.67 -15.45
CA GLU D 419 -2.61 -3.22 -14.09
C GLU D 419 -2.75 -4.36 -13.08
N GLY D 420 -2.67 -5.61 -13.52
CA GLY D 420 -2.56 -6.71 -12.57
C GLY D 420 -3.78 -7.61 -12.40
N ARG D 421 -4.25 -7.72 -11.15
CA ARG D 421 -5.22 -8.76 -10.81
C ARG D 421 -6.59 -8.48 -11.41
N ILE D 422 -7.04 -7.21 -11.35
CA ILE D 422 -8.38 -6.89 -11.83
C ILE D 422 -8.48 -7.13 -13.33
N GLN D 423 -7.46 -6.69 -14.09
CA GLN D 423 -7.45 -6.93 -15.52
C GLN D 423 -7.39 -8.41 -15.83
N ASP D 424 -6.56 -9.16 -15.09
CA ASP D 424 -6.48 -10.60 -15.31
C ASP D 424 -7.82 -11.27 -15.07
N LEU D 425 -8.53 -10.87 -14.01
CA LEU D 425 -9.83 -11.48 -13.71
C LEU D 425 -10.87 -11.13 -14.78
N GLU D 426 -10.93 -9.86 -15.18
CA GLU D 426 -11.96 -9.47 -16.13
C GLU D 426 -11.60 -9.81 -17.57
N LYS D 427 -10.38 -10.30 -17.82
CA LYS D 427 -10.06 -10.92 -19.08
C LYS D 427 -10.25 -12.43 -19.03
N TYR D 428 -10.00 -13.05 -17.87
CA TYR D 428 -10.26 -14.48 -17.72
C TYR D 428 -11.74 -14.79 -17.78
N VAL D 429 -12.60 -13.91 -17.26
CA VAL D 429 -14.04 -14.18 -17.38
C VAL D 429 -14.47 -14.16 -18.84
N GLU D 430 -13.95 -13.20 -19.62
CA GLU D 430 -14.26 -13.17 -21.05
C GLU D 430 -13.73 -14.40 -21.76
N ASP D 431 -12.51 -14.83 -21.43
CA ASP D 431 -11.97 -16.04 -22.02
C ASP D 431 -12.80 -17.26 -21.66
N THR D 432 -13.27 -17.34 -20.42
CA THR D 432 -14.11 -18.46 -20.01
C THR D 432 -15.43 -18.46 -20.78
N LYS D 433 -16.07 -17.30 -20.92
CA LYS D 433 -17.32 -17.25 -21.66
C LYS D 433 -17.11 -17.63 -23.13
N ILE D 434 -16.03 -17.13 -23.74
CA ILE D 434 -15.79 -17.43 -25.15
C ILE D 434 -15.47 -18.92 -25.32
N ASP D 435 -14.73 -19.52 -24.39
CA ASP D 435 -14.47 -20.96 -24.48
C ASP D 435 -15.75 -21.76 -24.35
N LEU D 436 -16.62 -21.40 -23.39
CA LEU D 436 -17.84 -22.14 -23.19
C LEU D 436 -18.77 -22.04 -24.39
N TRP D 437 -18.86 -20.84 -24.99
CA TRP D 437 -19.70 -20.70 -26.17
C TRP D 437 -19.04 -21.19 -27.45
N SER D 438 -17.72 -21.41 -27.43
CA SER D 438 -17.08 -22.12 -28.53
C SER D 438 -17.32 -23.61 -28.45
N TYR D 439 -17.45 -24.15 -27.23
CA TYR D 439 -17.85 -25.54 -27.08
C TYR D 439 -19.34 -25.74 -27.37
N ASN D 440 -20.15 -24.69 -27.22
CA ASN D 440 -21.58 -24.80 -27.51
C ASN D 440 -21.89 -24.88 -28.99
N ALA D 441 -20.91 -24.63 -29.86
CA ALA D 441 -21.13 -24.68 -31.29
C ALA D 441 -20.05 -25.51 -31.98
N GLN E 60 -39.90 -24.67 -11.11
CA GLN E 60 -40.69 -23.97 -10.11
C GLN E 60 -40.82 -22.50 -10.47
N ASN E 61 -42.06 -22.03 -10.57
CA ASN E 61 -42.34 -20.67 -11.04
C ASN E 61 -43.04 -19.83 -9.98
N SER E 62 -43.02 -20.26 -8.72
CA SER E 62 -43.66 -19.53 -7.65
C SER E 62 -42.96 -19.83 -6.34
N SER E 63 -43.17 -18.96 -5.35
CA SER E 63 -42.56 -19.11 -4.04
C SER E 63 -43.63 -19.32 -2.99
N ILE E 64 -43.27 -20.05 -1.93
CA ILE E 64 -44.21 -20.31 -0.85
C ILE E 64 -44.60 -19.01 -0.16
N GLY E 65 -43.65 -18.11 0.04
CA GLY E 65 -43.91 -16.81 0.62
C GLY E 65 -43.43 -16.60 2.04
N GLU E 66 -42.68 -17.54 2.62
CA GLU E 66 -42.19 -17.37 3.98
C GLU E 66 -40.90 -18.17 4.17
N ILE E 67 -40.01 -17.62 4.98
CA ILE E 67 -38.76 -18.27 5.36
C ILE E 67 -38.99 -19.07 6.63
N CYS E 68 -38.50 -20.31 6.66
CA CYS E 68 -38.65 -21.15 7.85
C CYS E 68 -37.28 -21.60 8.32
N ASP E 69 -37.09 -21.59 9.65
CA ASP E 69 -35.80 -21.86 10.26
C ASP E 69 -35.55 -23.35 10.46
N SER E 70 -35.66 -24.13 9.38
CA SER E 70 -35.37 -25.55 9.42
C SER E 70 -34.95 -26.00 8.03
N PRO E 71 -33.83 -26.72 7.90
CA PRO E 71 -32.90 -27.13 8.96
C PRO E 71 -31.85 -26.06 9.26
N HIS E 72 -31.79 -25.00 8.44
CA HIS E 72 -30.83 -23.95 8.68
C HIS E 72 -31.22 -23.13 9.91
N GLN E 73 -30.21 -22.69 10.67
CA GLN E 73 -30.43 -21.87 11.86
C GLN E 73 -30.55 -20.42 11.42
N ILE E 74 -31.75 -20.07 10.95
CA ILE E 74 -32.00 -18.72 10.46
C ILE E 74 -32.02 -17.75 11.62
N LEU E 75 -31.26 -16.67 11.49
CA LEU E 75 -31.25 -15.59 12.48
C LEU E 75 -32.08 -14.44 11.93
N ASP E 76 -33.05 -13.99 12.72
CA ASP E 76 -34.05 -13.02 12.26
C ASP E 76 -33.62 -11.62 12.71
N GLY E 77 -32.94 -10.91 11.81
CA GLY E 77 -32.56 -9.53 12.06
C GLY E 77 -33.67 -8.57 11.74
N GLU E 78 -34.68 -8.50 12.62
CA GLU E 78 -35.89 -7.73 12.31
C GLU E 78 -35.61 -6.25 12.15
N ASN E 79 -34.60 -5.71 12.85
CA ASN E 79 -34.31 -4.29 12.78
C ASN E 79 -32.83 -3.99 12.65
N CYS E 80 -31.99 -5.00 12.47
CA CYS E 80 -30.55 -4.83 12.62
C CYS E 80 -29.83 -5.21 11.34
N THR E 81 -28.95 -4.33 10.87
CA THR E 81 -27.97 -4.70 9.87
C THR E 81 -26.92 -5.57 10.54
N LEU E 82 -26.35 -6.49 9.77
CA LEU E 82 -25.33 -7.39 10.31
C LEU E 82 -24.26 -6.60 11.04
N ILE E 83 -23.82 -5.49 10.44
CA ILE E 83 -22.75 -4.70 11.03
C ILE E 83 -23.21 -4.05 12.33
N ASP E 84 -24.47 -3.64 12.41
CA ASP E 84 -24.97 -3.04 13.64
C ASP E 84 -24.90 -4.04 14.80
N ALA E 85 -25.32 -5.28 14.57
CA ALA E 85 -25.20 -6.30 15.60
C ALA E 85 -23.74 -6.65 15.86
N LEU E 86 -22.89 -6.52 14.85
CA LEU E 86 -21.46 -6.75 15.02
C LEU E 86 -20.85 -5.71 15.95
N LEU E 87 -21.34 -4.47 15.87
CA LEU E 87 -20.86 -3.37 16.69
C LEU E 87 -21.51 -3.32 18.06
N GLY E 88 -22.47 -4.19 18.34
CA GLY E 88 -23.14 -4.15 19.62
C GLY E 88 -24.10 -2.98 19.74
N ASP E 89 -24.97 -2.82 18.76
CA ASP E 89 -26.01 -1.81 18.83
C ASP E 89 -26.85 -2.05 20.09
N PRO E 90 -27.09 -1.03 20.91
CA PRO E 90 -27.96 -1.24 22.09
C PRO E 90 -29.33 -1.77 21.71
N GLN E 91 -29.84 -1.38 20.56
CA GLN E 91 -31.12 -1.89 20.10
C GLN E 91 -31.06 -3.37 19.74
N CYS E 92 -29.89 -3.89 19.35
CA CYS E 92 -29.73 -5.27 18.92
C CYS E 92 -28.99 -6.10 19.95
N ASP E 93 -29.23 -5.81 21.23
CA ASP E 93 -28.51 -6.51 22.30
C ASP E 93 -28.90 -7.98 22.41
N GLY E 94 -29.96 -8.40 21.73
CA GLY E 94 -30.29 -9.81 21.67
C GLY E 94 -29.38 -10.63 20.78
N PHE E 95 -28.58 -9.98 19.93
CA PHE E 95 -27.73 -10.69 18.99
C PHE E 95 -26.30 -10.84 19.47
N GLN E 96 -26.00 -10.48 20.72
CA GLN E 96 -24.64 -10.58 21.24
C GLN E 96 -24.22 -12.04 21.34
N ASN E 97 -23.00 -12.33 20.88
CA ASN E 97 -22.40 -13.67 20.92
C ASN E 97 -23.25 -14.71 20.22
N LYS E 98 -24.11 -14.30 19.29
CA LYS E 98 -25.00 -15.24 18.64
C LYS E 98 -24.32 -15.89 17.44
N LYS E 99 -24.78 -17.09 17.11
CA LYS E 99 -24.31 -17.83 15.96
C LYS E 99 -25.48 -18.09 15.02
N TRP E 100 -25.20 -18.15 13.72
CA TRP E 100 -26.27 -18.24 12.74
C TRP E 100 -25.82 -19.01 11.52
N ASP E 101 -26.80 -19.50 10.78
CA ASP E 101 -26.61 -20.11 9.46
C ASP E 101 -26.90 -19.12 8.34
N LEU E 102 -27.95 -18.32 8.47
CA LEU E 102 -28.31 -17.33 7.48
C LEU E 102 -28.84 -16.09 8.18
N PHE E 103 -28.27 -14.94 7.83
CA PHE E 103 -28.64 -13.67 8.43
C PHE E 103 -29.57 -12.93 7.48
N VAL E 104 -30.81 -12.70 7.91
CA VAL E 104 -31.80 -12.00 7.10
C VAL E 104 -31.83 -10.54 7.52
N GLU E 105 -31.73 -9.64 6.55
CA GLU E 105 -31.75 -8.20 6.78
C GLU E 105 -33.03 -7.64 6.18
N ARG E 106 -33.89 -7.09 7.03
CA ARG E 106 -35.12 -6.50 6.55
C ARG E 106 -34.84 -5.24 5.74
N SER E 107 -35.74 -4.94 4.81
CA SER E 107 -35.59 -3.73 4.01
C SER E 107 -35.69 -2.48 4.87
N LYS E 108 -36.40 -2.55 5.99
CA LYS E 108 -36.50 -1.45 6.93
C LYS E 108 -35.37 -1.44 7.95
N ALA E 109 -34.27 -2.12 7.67
CA ALA E 109 -33.13 -2.11 8.58
C ALA E 109 -32.60 -0.68 8.72
N TYR E 110 -32.17 -0.34 9.93
CA TYR E 110 -31.77 1.02 10.22
C TYR E 110 -30.81 1.03 11.39
N SER E 111 -29.77 1.85 11.30
CA SER E 111 -28.93 2.12 12.46
C SER E 111 -29.68 3.04 13.41
N ASN E 112 -29.43 2.85 14.70
CA ASN E 112 -30.18 3.57 15.72
C ASN E 112 -29.41 4.71 16.37
N CYS E 113 -28.10 4.70 16.31
CA CYS E 113 -27.30 5.60 17.14
C CYS E 113 -26.12 6.10 16.30
N TYR E 114 -25.09 6.65 16.96
CA TYR E 114 -24.02 7.46 16.43
C TYR E 114 -23.58 7.03 15.03
N PRO E 115 -23.57 7.95 14.06
CA PRO E 115 -23.38 7.55 12.67
C PRO E 115 -22.01 6.96 12.43
N TYR E 116 -21.94 6.07 11.42
CA TYR E 116 -20.69 5.41 11.08
C TYR E 116 -20.66 5.17 9.58
N ASP E 117 -19.45 5.07 9.03
CA ASP E 117 -19.23 4.66 7.65
C ASP E 117 -18.08 3.66 7.64
N VAL E 118 -18.19 2.64 6.80
CA VAL E 118 -17.23 1.55 6.76
C VAL E 118 -16.58 1.52 5.37
N PRO E 119 -15.35 1.99 5.24
CA PRO E 119 -14.61 1.78 3.99
C PRO E 119 -14.50 0.28 3.70
N ASP E 120 -14.67 -0.07 2.42
CA ASP E 120 -14.79 -1.46 2.00
C ASP E 120 -15.87 -2.17 2.80
N TYR E 121 -17.07 -1.59 2.75
CA TYR E 121 -18.22 -2.15 3.46
C TYR E 121 -18.56 -3.54 2.97
N ALA E 122 -18.54 -3.75 1.65
CA ALA E 122 -18.95 -5.03 1.10
C ALA E 122 -18.03 -6.16 1.56
N SER E 123 -16.71 -5.92 1.57
CA SER E 123 -15.77 -6.96 1.97
C SER E 123 -15.97 -7.37 3.42
N LEU E 124 -16.08 -6.37 4.31
CA LEU E 124 -16.28 -6.67 5.72
C LEU E 124 -17.61 -7.39 5.94
N ARG E 125 -18.66 -6.93 5.26
CA ARG E 125 -19.97 -7.55 5.40
C ARG E 125 -19.93 -9.02 4.97
N SER E 126 -19.34 -9.29 3.80
CA SER E 126 -19.26 -10.66 3.31
C SER E 126 -18.42 -11.53 4.23
N LEU E 127 -17.28 -11.00 4.70
CA LEU E 127 -16.41 -11.77 5.57
C LEU E 127 -17.13 -12.13 6.87
N VAL E 128 -17.76 -11.15 7.52
CA VAL E 128 -18.43 -11.41 8.79
C VAL E 128 -19.61 -12.35 8.59
N ALA E 129 -20.36 -12.17 7.51
CA ALA E 129 -21.49 -13.06 7.24
C ALA E 129 -21.04 -14.50 7.01
N SER E 130 -19.98 -14.70 6.22
CA SER E 130 -19.47 -16.03 5.99
C SER E 130 -18.82 -16.63 7.24
N SER E 131 -18.39 -15.77 8.17
CA SER E 131 -17.86 -16.28 9.44
C SER E 131 -18.92 -17.06 10.20
N GLY E 132 -20.14 -16.53 10.25
CA GLY E 132 -21.22 -17.21 10.93
C GLY E 132 -21.09 -17.29 12.43
N THR E 133 -20.38 -16.35 13.04
CA THR E 133 -20.20 -16.36 14.50
C THR E 133 -19.99 -14.93 14.98
N LEU E 134 -20.72 -14.57 16.03
CA LEU E 134 -20.53 -13.30 16.72
C LEU E 134 -19.85 -13.48 18.07
N GLU E 135 -19.27 -14.66 18.33
CA GLU E 135 -18.57 -14.89 19.58
C GLU E 135 -17.42 -13.90 19.73
N PHE E 136 -17.35 -13.30 20.92
CA PHE E 136 -16.42 -12.21 21.15
C PHE E 136 -15.87 -12.35 22.56
N LYS E 137 -14.57 -12.18 22.72
CA LYS E 137 -13.91 -12.35 24.01
C LYS E 137 -13.36 -11.02 24.49
N ASN E 138 -13.67 -10.67 25.73
CA ASN E 138 -13.18 -9.44 26.34
C ASN E 138 -11.69 -9.58 26.59
N GLU E 139 -10.87 -9.04 25.69
CA GLU E 139 -9.43 -9.07 25.88
C GLU E 139 -9.01 -8.12 26.99
N SER E 140 -7.94 -8.49 27.70
CA SER E 140 -7.38 -7.65 28.75
C SER E 140 -6.37 -6.66 28.17
N PHE E 141 -6.87 -5.79 27.29
CA PHE E 141 -6.03 -4.77 26.70
C PHE E 141 -5.56 -3.79 27.77
N ASN E 142 -4.38 -3.22 27.55
CA ASN E 142 -3.76 -2.32 28.52
C ASN E 142 -4.03 -0.86 28.13
N TRP E 143 -5.26 -0.43 28.38
CA TRP E 143 -5.65 0.96 28.14
C TRP E 143 -5.38 1.78 29.41
N THR E 144 -4.09 2.04 29.63
CA THR E 144 -3.65 2.87 30.74
C THR E 144 -3.08 4.18 30.20
N GLY E 145 -3.32 5.26 30.95
CA GLY E 145 -3.00 6.58 30.48
C GLY E 145 -4.05 7.22 29.59
N VAL E 146 -5.19 6.55 29.39
CA VAL E 146 -6.27 7.07 28.57
C VAL E 146 -7.58 6.90 29.32
N THR E 147 -8.58 7.68 28.92
CA THR E 147 -9.90 7.65 29.53
C THR E 147 -10.80 6.72 28.72
N GLN E 148 -11.29 5.67 29.37
CA GLN E 148 -12.13 4.68 28.71
C GLN E 148 -13.60 5.08 28.79
N ASN E 149 -14.42 4.32 28.06
CA ASN E 149 -15.88 4.44 28.12
C ASN E 149 -16.37 5.83 27.74
N GLY E 150 -15.95 6.29 26.56
CA GLY E 150 -16.56 7.47 25.99
C GLY E 150 -17.98 7.19 25.54
N THR E 151 -18.85 8.18 25.70
CA THR E 151 -20.26 8.01 25.40
C THR E 151 -20.76 9.22 24.63
N SER E 152 -21.86 9.02 23.91
CA SER E 152 -22.47 10.06 23.10
C SER E 152 -23.97 10.06 23.31
N SER E 153 -24.59 11.21 23.01
CA SER E 153 -26.02 11.36 23.26
C SER E 153 -26.85 10.42 22.40
N ALA E 154 -26.39 10.13 21.18
CA ALA E 154 -27.21 9.37 20.24
C ALA E 154 -27.47 7.94 20.74
N CYS E 155 -26.47 7.31 21.34
CA CYS E 155 -26.56 5.89 21.66
C CYS E 155 -27.17 5.68 23.05
N ILE E 156 -28.47 5.97 23.12
CA ILE E 156 -29.21 5.79 24.37
C ILE E 156 -29.53 4.32 24.56
N ARG E 157 -29.12 3.77 25.70
CA ARG E 157 -29.42 2.39 26.06
C ARG E 157 -29.99 2.37 27.47
N GLY E 158 -31.21 1.87 27.61
CA GLY E 158 -31.84 1.82 28.92
C GLY E 158 -32.00 3.18 29.56
N SER E 159 -32.46 4.17 28.79
CA SER E 159 -32.70 5.54 29.24
C SER E 159 -31.45 6.21 29.79
N SER E 160 -30.27 5.72 29.40
CA SER E 160 -29.01 6.32 29.80
C SER E 160 -28.08 6.38 28.60
N SER E 161 -27.20 7.39 28.60
CA SER E 161 -26.24 7.53 27.51
C SER E 161 -25.28 6.34 27.49
N SER E 162 -25.01 5.84 26.29
CA SER E 162 -24.19 4.64 26.11
C SER E 162 -23.47 4.74 24.77
N PHE E 163 -22.97 3.61 24.29
CA PHE E 163 -22.19 3.57 23.05
C PHE E 163 -22.20 2.13 22.55
N PHE E 164 -21.43 1.86 21.50
CA PHE E 164 -21.32 0.50 20.98
C PHE E 164 -20.68 -0.41 22.01
N SER E 165 -21.23 -1.62 22.14
CA SER E 165 -20.78 -2.54 23.18
C SER E 165 -19.46 -3.22 22.82
N ARG E 166 -19.19 -3.46 21.55
CA ARG E 166 -18.00 -4.18 21.13
C ARG E 166 -16.81 -3.26 20.84
N LEU E 167 -16.99 -1.94 20.97
CA LEU E 167 -15.92 -0.98 20.79
C LEU E 167 -15.88 -0.06 22.00
N ASN E 168 -14.72 0.57 22.21
CA ASN E 168 -14.49 1.42 23.38
C ASN E 168 -13.93 2.76 22.93
N TRP E 169 -14.61 3.85 23.30
CA TRP E 169 -14.24 5.18 22.86
C TRP E 169 -13.23 5.76 23.85
N LEU E 170 -11.95 5.70 23.49
CA LEU E 170 -10.91 6.25 24.34
C LEU E 170 -10.93 7.78 24.30
N ALA E 179 -0.05 8.63 22.63
CA ALA E 179 1.14 7.89 22.27
C ALA E 179 1.02 6.42 22.66
N LEU E 180 -0.17 5.85 22.47
CA LEU E 180 -0.39 4.45 22.82
C LEU E 180 0.41 3.55 21.89
N ASN E 181 1.05 2.53 22.49
CA ASN E 181 1.79 1.50 21.76
C ASN E 181 1.61 0.20 22.55
N VAL E 182 0.59 -0.58 22.17
CA VAL E 182 0.16 -1.72 22.97
C VAL E 182 -0.09 -2.92 22.06
N THR E 183 0.30 -4.11 22.53
CA THR E 183 0.25 -5.32 21.72
C THR E 183 -0.76 -6.30 22.29
N MET E 184 -1.13 -7.27 21.45
CA MET E 184 -1.96 -8.40 21.86
C MET E 184 -1.61 -9.60 20.98
N PRO E 185 -0.74 -10.49 21.45
CA PRO E 185 -0.36 -11.66 20.65
C PRO E 185 -1.47 -12.70 20.61
N ASN E 186 -1.60 -13.34 19.45
CA ASN E 186 -2.59 -14.40 19.25
C ASN E 186 -2.00 -15.72 19.69
N ASN E 187 -1.97 -15.92 21.01
CA ASN E 187 -1.45 -17.16 21.57
C ASN E 187 -2.38 -18.35 21.32
N GLU E 188 -3.62 -18.11 20.89
CA GLU E 188 -4.50 -19.22 20.56
C GLU E 188 -4.09 -19.84 19.23
N GLN E 189 -4.67 -21.01 18.94
CA GLN E 189 -4.33 -21.78 17.77
C GLN E 189 -5.27 -21.53 16.59
N PHE E 190 -6.21 -20.61 16.71
CA PHE E 190 -7.15 -20.32 15.63
C PHE E 190 -7.00 -18.89 15.14
N ASP E 191 -7.27 -18.71 13.85
CA ASP E 191 -7.30 -17.39 13.25
C ASP E 191 -8.34 -16.52 13.97
N LYS E 192 -7.98 -15.27 14.25
CA LYS E 192 -8.91 -14.43 14.99
C LYS E 192 -8.85 -13.00 14.46
N LEU E 193 -9.95 -12.27 14.64
CA LEU E 193 -10.20 -11.00 13.97
C LEU E 193 -10.46 -9.91 15.00
N TYR E 194 -10.04 -8.69 14.66
CA TYR E 194 -10.27 -7.50 15.45
C TYR E 194 -11.02 -6.47 14.61
N ILE E 195 -11.81 -5.64 15.30
CA ILE E 195 -12.51 -4.52 14.68
C ILE E 195 -12.30 -3.30 15.56
N TRP E 196 -11.84 -2.21 14.95
CA TRP E 196 -11.54 -0.98 15.67
C TRP E 196 -12.08 0.20 14.88
N GLY E 197 -12.01 1.38 15.49
CA GLY E 197 -12.58 2.57 14.90
C GLY E 197 -11.58 3.71 14.85
N VAL E 198 -11.92 4.70 14.02
CA VAL E 198 -11.18 5.94 13.90
C VAL E 198 -12.22 7.06 13.89
N HIS E 199 -12.16 7.93 14.89
CA HIS E 199 -13.12 9.02 15.00
C HIS E 199 -12.65 10.22 14.20
N HIS E 200 -13.59 10.82 13.46
CA HIS E 200 -13.29 12.02 12.67
C HIS E 200 -13.82 13.26 13.38
N ILE E 218 -2.87 7.12 13.49
CA ILE E 218 -3.30 5.81 13.96
C ILE E 218 -2.80 4.71 13.03
N THR E 219 -1.93 3.85 13.55
CA THR E 219 -1.42 2.71 12.80
C THR E 219 -1.65 1.44 13.59
N VAL E 220 -2.22 0.44 12.94
CA VAL E 220 -2.38 -0.89 13.53
C VAL E 220 -1.61 -1.87 12.64
N SER E 221 -0.63 -2.53 13.22
CA SER E 221 0.34 -3.29 12.46
C SER E 221 0.36 -4.74 12.91
N THR E 222 0.47 -5.65 11.93
CA THR E 222 0.65 -7.06 12.18
C THR E 222 1.90 -7.51 11.45
N LYS E 223 2.35 -8.73 11.76
CA LYS E 223 3.59 -9.22 11.17
C LYS E 223 3.48 -9.36 9.65
N ARG E 224 2.27 -9.36 9.11
CA ARG E 224 2.08 -9.46 7.66
C ARG E 224 2.09 -8.09 6.98
N SER E 225 1.40 -7.11 7.54
CA SER E 225 1.27 -5.81 6.91
C SER E 225 0.90 -4.79 7.99
N GLN E 226 0.86 -3.52 7.57
CA GLN E 226 0.48 -2.42 8.45
C GLN E 226 -0.68 -1.66 7.84
N GLN E 227 -1.61 -1.21 8.68
CA GLN E 227 -2.74 -0.40 8.27
C GLN E 227 -2.62 0.97 8.91
N ALA E 228 -2.67 2.02 8.10
CA ALA E 228 -2.51 3.38 8.58
C ALA E 228 -3.75 4.19 8.23
N VAL E 229 -4.23 4.97 9.20
CA VAL E 229 -5.41 5.81 9.04
C VAL E 229 -5.09 7.19 9.59
N ILE E 230 -5.46 8.22 8.83
CA ILE E 230 -5.32 9.61 9.24
C ILE E 230 -6.72 10.20 9.32
N PRO E 231 -7.21 10.59 10.51
CA PRO E 231 -8.55 11.17 10.65
C PRO E 231 -8.67 12.54 10.01
N ARG E 240 -27.57 11.86 11.85
CA ARG E 240 -28.47 11.93 13.00
C ARG E 240 -28.06 13.07 13.93
N ASP E 241 -28.08 14.29 13.40
CA ASP E 241 -27.74 15.50 14.13
C ASP E 241 -26.33 15.43 14.73
N ILE E 242 -25.45 14.67 14.10
CA ILE E 242 -24.07 14.53 14.55
C ILE E 242 -23.15 14.68 13.35
N PRO E 243 -22.47 15.83 13.19
CA PRO E 243 -21.62 16.02 12.01
C PRO E 243 -20.47 15.04 11.90
N SER E 244 -19.91 14.59 13.02
CA SER E 244 -18.71 13.77 13.01
C SER E 244 -19.06 12.31 12.79
N ARG E 245 -18.30 11.66 11.90
CA ARG E 245 -18.54 10.29 11.49
C ARG E 245 -17.44 9.38 12.02
N ILE E 246 -17.81 8.15 12.38
CA ILE E 246 -16.87 7.13 12.82
C ILE E 246 -16.56 6.21 11.64
N SER E 247 -15.29 5.85 11.48
CA SER E 247 -14.87 4.93 10.43
C SER E 247 -14.43 3.61 11.06
N ILE E 248 -14.99 2.51 10.58
CA ILE E 248 -14.73 1.18 11.16
C ILE E 248 -13.74 0.44 10.28
N TYR E 249 -12.66 -0.04 10.89
CA TYR E 249 -11.66 -0.86 10.22
C TYR E 249 -11.56 -2.21 10.93
N TRP E 250 -10.91 -3.16 10.27
CA TRP E 250 -10.81 -4.52 10.77
C TRP E 250 -9.45 -5.10 10.38
N THR E 251 -8.93 -5.96 11.24
CA THR E 251 -7.63 -6.57 11.02
C THR E 251 -7.66 -8.04 11.47
N ILE E 252 -7.11 -8.92 10.64
CA ILE E 252 -7.15 -10.36 10.88
C ILE E 252 -5.76 -10.84 11.23
N VAL E 253 -5.62 -11.51 12.37
CA VAL E 253 -4.33 -12.00 12.84
C VAL E 253 -4.38 -13.52 12.90
N LYS E 254 -3.37 -14.15 12.30
CA LYS E 254 -3.19 -15.59 12.37
C LYS E 254 -2.69 -16.00 13.75
N PRO E 255 -2.77 -17.28 14.09
CA PRO E 255 -2.12 -17.76 15.31
C PRO E 255 -0.62 -17.48 15.26
N GLY E 256 -0.06 -17.16 16.42
CA GLY E 256 1.35 -16.79 16.49
C GLY E 256 1.65 -15.49 15.80
N ASP E 257 0.80 -14.48 15.97
CA ASP E 257 0.98 -13.18 15.34
C ASP E 257 0.69 -12.10 16.37
N ILE E 258 1.48 -11.03 16.33
CA ILE E 258 1.33 -9.90 17.23
C ILE E 258 0.54 -8.81 16.52
N LEU E 259 -0.56 -8.37 17.13
CA LEU E 259 -1.29 -7.20 16.68
C LEU E 259 -0.89 -6.02 17.54
N LEU E 260 -0.48 -4.93 16.90
CA LEU E 260 0.07 -3.78 17.60
C LEU E 260 -0.75 -2.54 17.26
N ILE E 261 -1.12 -1.79 18.30
CA ILE E 261 -1.85 -0.53 18.16
C ILE E 261 -0.90 0.59 18.52
N ASN E 262 -0.83 1.61 17.66
CA ASN E 262 0.19 2.66 17.77
C ASN E 262 -0.44 3.96 17.28
N SER E 263 -0.80 4.83 18.20
CA SER E 263 -1.57 6.01 17.81
C SER E 263 -1.30 7.15 18.78
N THR E 264 -1.70 8.36 18.36
CA THR E 264 -1.72 9.54 19.22
C THR E 264 -3.10 9.84 19.77
N GLY E 265 -4.14 9.76 18.95
CA GLY E 265 -5.49 10.01 19.42
C GLY E 265 -6.49 9.59 18.37
N ASN E 266 -7.76 9.89 18.65
CA ASN E 266 -8.90 9.60 17.79
C ASN E 266 -9.18 8.12 17.66
N LEU E 267 -8.52 7.26 18.44
CA LEU E 267 -8.65 5.82 18.29
C LEU E 267 -9.87 5.32 19.07
N ILE E 268 -10.76 4.61 18.38
CA ILE E 268 -11.86 3.91 19.02
C ILE E 268 -11.40 2.47 19.19
N ALA E 269 -10.83 2.17 20.34
CA ALA E 269 -10.11 0.94 20.54
C ALA E 269 -11.05 -0.26 20.59
N PRO E 270 -10.60 -1.42 20.14
CA PRO E 270 -11.41 -2.64 20.29
C PRO E 270 -11.44 -3.09 21.75
N ARG E 271 -12.43 -3.93 22.05
CA ARG E 271 -12.55 -4.54 23.36
C ARG E 271 -12.17 -6.01 23.35
N GLY E 272 -11.87 -6.58 22.19
CA GLY E 272 -11.49 -7.97 22.12
C GLY E 272 -11.58 -8.48 20.69
N TYR E 273 -11.51 -9.80 20.58
CA TYR E 273 -11.50 -10.47 19.29
C TYR E 273 -12.79 -11.25 19.07
N PHE E 274 -13.21 -11.30 17.80
CA PHE E 274 -14.25 -12.21 17.34
C PHE E 274 -13.60 -13.49 16.83
N LYS E 275 -14.25 -14.62 17.10
CA LYS E 275 -13.72 -15.93 16.73
C LYS E 275 -14.19 -16.27 15.32
N ILE E 276 -13.43 -15.76 14.33
CA ILE E 276 -13.75 -16.03 12.93
C ILE E 276 -13.45 -17.49 12.60
N ARG E 277 -14.40 -18.15 11.95
CA ARG E 277 -14.23 -19.54 11.56
C ARG E 277 -14.83 -19.74 10.16
N SER E 278 -14.24 -20.69 9.43
CA SER E 278 -14.79 -21.06 8.13
C SER E 278 -16.05 -21.89 8.32
N GLY E 279 -17.06 -21.61 7.51
CA GLY E 279 -18.33 -22.32 7.65
C GLY E 279 -19.19 -22.10 6.42
N LYS E 280 -20.38 -22.69 6.48
CA LYS E 280 -21.34 -22.63 5.39
C LYS E 280 -22.33 -21.48 5.53
N SER E 281 -22.14 -20.61 6.53
CA SER E 281 -23.08 -19.53 6.78
C SER E 281 -23.10 -18.55 5.61
N SER E 282 -24.15 -17.71 5.59
CA SER E 282 -24.34 -16.75 4.51
C SER E 282 -25.22 -15.62 5.03
N ILE E 283 -25.47 -14.64 4.15
CA ILE E 283 -26.32 -13.51 4.45
C ILE E 283 -27.29 -13.31 3.30
N MET E 284 -28.52 -12.92 3.62
CA MET E 284 -29.53 -12.60 2.63
C MET E 284 -30.26 -11.35 3.07
N ARG E 285 -31.09 -10.82 2.17
CA ARG E 285 -31.83 -9.59 2.43
C ARG E 285 -33.25 -9.78 1.91
N SER E 286 -34.23 -9.77 2.81
CA SER E 286 -35.59 -10.11 2.44
C SER E 286 -36.56 -9.57 3.49
N ASP E 287 -37.84 -9.61 3.14
CA ASP E 287 -38.92 -9.23 4.05
C ASP E 287 -39.90 -10.38 4.31
N ALA E 288 -39.55 -11.60 3.92
CA ALA E 288 -40.47 -12.71 4.06
C ALA E 288 -40.69 -13.05 5.53
N PRO E 289 -41.93 -13.25 5.97
CA PRO E 289 -42.18 -13.60 7.37
C PRO E 289 -41.64 -14.98 7.71
N ILE E 290 -41.39 -15.19 8.99
CA ILE E 290 -40.85 -16.45 9.49
C ILE E 290 -41.99 -17.43 9.72
N GLY E 291 -41.83 -18.65 9.22
CA GLY E 291 -42.80 -19.71 9.35
C GLY E 291 -42.19 -20.94 10.00
N LYS E 292 -42.77 -22.10 9.67
CA LYS E 292 -42.36 -23.35 10.29
C LYS E 292 -42.32 -24.51 9.30
N CYS E 293 -42.03 -24.25 8.04
CA CYS E 293 -41.87 -25.32 7.07
C CYS E 293 -40.55 -26.06 7.27
N LYS E 294 -40.31 -27.08 6.44
CA LYS E 294 -39.11 -27.89 6.54
C LYS E 294 -38.35 -27.97 5.23
N SER E 295 -38.73 -27.20 4.22
CA SER E 295 -38.01 -27.22 2.95
C SER E 295 -36.65 -26.55 3.09
N GLU E 296 -35.61 -27.23 2.60
CA GLU E 296 -34.25 -26.75 2.82
C GLU E 296 -33.95 -25.48 2.06
N CYS E 297 -34.44 -25.36 0.83
CA CYS E 297 -34.05 -24.25 -0.03
C CYS E 297 -34.67 -22.95 0.44
N ILE E 298 -33.97 -21.85 0.16
CA ILE E 298 -34.37 -20.53 0.64
C ILE E 298 -34.13 -19.50 -0.45
N THR E 299 -34.93 -18.43 -0.40
CA THR E 299 -34.98 -17.39 -1.42
C THR E 299 -35.60 -16.15 -0.78
N PRO E 300 -35.20 -14.94 -1.18
CA PRO E 300 -35.79 -13.74 -0.57
C PRO E 300 -37.30 -13.66 -0.67
N ASN E 301 -37.90 -14.22 -1.71
CA ASN E 301 -39.36 -14.26 -1.78
C ASN E 301 -39.95 -15.22 -0.76
N GLY E 302 -39.18 -16.21 -0.33
CA GLY E 302 -39.65 -17.23 0.58
C GLY E 302 -38.94 -18.54 0.30
N SER E 303 -39.36 -19.56 1.04
CA SER E 303 -38.77 -20.88 0.83
C SER E 303 -39.22 -21.44 -0.52
N ILE E 304 -38.42 -22.38 -1.04
CA ILE E 304 -38.67 -22.96 -2.36
C ILE E 304 -38.56 -24.48 -2.27
N PRO E 305 -39.57 -25.21 -2.75
CA PRO E 305 -39.43 -26.67 -2.80
C PRO E 305 -38.31 -27.08 -3.74
N ASN E 306 -37.61 -28.16 -3.38
CA ASN E 306 -36.48 -28.67 -4.14
C ASN E 306 -36.91 -29.67 -5.20
N ASP E 307 -38.21 -29.90 -5.36
CA ASP E 307 -38.68 -30.97 -6.26
C ASP E 307 -38.34 -30.67 -7.71
N LYS E 308 -38.56 -29.44 -8.16
CA LYS E 308 -38.35 -29.13 -9.57
C LYS E 308 -36.90 -28.73 -9.82
N PRO E 309 -36.22 -29.33 -10.81
CA PRO E 309 -34.78 -29.11 -10.96
C PRO E 309 -34.38 -27.68 -11.30
N PHE E 310 -35.30 -26.86 -11.82
CA PHE E 310 -34.99 -25.48 -12.18
C PHE E 310 -35.96 -24.54 -11.48
N GLN E 311 -35.51 -23.30 -11.28
CA GLN E 311 -36.31 -22.28 -10.63
C GLN E 311 -36.22 -20.97 -11.41
N ASN E 312 -37.27 -20.16 -11.28
CA ASN E 312 -37.34 -18.88 -11.95
C ASN E 312 -37.69 -17.74 -11.00
N VAL E 313 -37.81 -18.03 -9.70
CA VAL E 313 -38.28 -17.03 -8.75
C VAL E 313 -37.28 -15.89 -8.62
N ASN E 314 -36.07 -16.20 -8.18
CA ASN E 314 -35.09 -15.16 -7.89
C ASN E 314 -33.69 -15.75 -8.00
N ARG E 315 -32.77 -14.95 -8.54
CA ARG E 315 -31.40 -15.43 -8.74
C ARG E 315 -30.68 -15.67 -7.42
N ILE E 316 -30.93 -14.84 -6.41
CA ILE E 316 -30.27 -15.01 -5.11
C ILE E 316 -30.84 -16.24 -4.43
N THR E 317 -29.99 -17.23 -4.19
CA THR E 317 -30.40 -18.48 -3.56
C THR E 317 -29.29 -18.96 -2.66
N TYR E 318 -29.65 -19.77 -1.67
CA TYR E 318 -28.69 -20.31 -0.72
C TYR E 318 -28.93 -21.81 -0.55
N GLY E 319 -27.84 -22.57 -0.52
CA GLY E 319 -27.91 -24.00 -0.36
C GLY E 319 -27.98 -24.74 -1.68
N ALA E 320 -27.72 -26.04 -1.62
CA ALA E 320 -27.80 -26.90 -2.79
C ALA E 320 -29.25 -26.97 -3.25
N CYS E 321 -29.56 -26.29 -4.36
CA CYS E 321 -30.93 -25.98 -4.73
C CYS E 321 -31.06 -25.80 -6.24
N PRO E 322 -32.27 -25.62 -6.77
CA PRO E 322 -32.41 -25.33 -8.20
C PRO E 322 -31.66 -24.06 -8.58
N ARG E 323 -31.60 -23.82 -9.89
CA ARG E 323 -30.85 -22.71 -10.45
C ARG E 323 -31.76 -21.84 -11.30
N TYR E 324 -31.30 -20.61 -11.52
CA TYR E 324 -32.08 -19.62 -12.25
C TYR E 324 -31.91 -19.81 -13.75
N VAL E 325 -33.03 -19.79 -14.48
CA VAL E 325 -33.04 -19.82 -15.94
C VAL E 325 -33.94 -18.70 -16.43
N LYS E 326 -33.66 -18.23 -17.65
CA LYS E 326 -34.41 -17.10 -18.19
C LYS E 326 -35.88 -17.46 -18.42
N GLN E 327 -36.15 -18.65 -18.93
CA GLN E 327 -37.50 -19.01 -19.35
C GLN E 327 -38.41 -19.17 -18.14
N SER E 328 -39.70 -19.31 -18.43
CA SER E 328 -40.71 -19.50 -17.38
C SER E 328 -41.57 -20.72 -17.68
N PHE E 408 -23.04 -21.86 -1.09
CA PHE E 408 -23.39 -21.54 0.28
C PHE E 408 -23.02 -20.11 0.64
N HIS E 409 -22.16 -19.50 -0.18
CA HIS E 409 -21.78 -18.11 0.00
C HIS E 409 -21.16 -17.62 -1.29
N GLN E 410 -21.73 -16.56 -1.86
CA GLN E 410 -21.28 -16.07 -3.15
C GLN E 410 -21.41 -14.55 -3.20
N ILE E 411 -21.18 -13.99 -4.37
CA ILE E 411 -21.14 -12.53 -4.52
C ILE E 411 -22.54 -11.93 -4.39
N GLU E 412 -22.56 -10.63 -4.12
CA GLU E 412 -23.81 -9.89 -4.10
C GLU E 412 -24.37 -9.76 -5.51
N LYS E 413 -25.70 -9.87 -5.63
CA LYS E 413 -26.37 -9.78 -6.92
C LYS E 413 -27.41 -8.66 -6.96
N GLU E 414 -27.43 -7.78 -5.96
CA GLU E 414 -28.37 -6.68 -5.87
C GLU E 414 -27.62 -5.44 -5.41
N PHE E 415 -27.85 -4.32 -6.09
CA PHE E 415 -27.13 -3.09 -5.80
C PHE E 415 -28.10 -1.94 -5.59
N SER E 416 -27.79 -1.09 -4.62
CA SER E 416 -28.51 0.16 -4.40
C SER E 416 -27.67 1.38 -4.79
N GLU E 417 -26.49 1.15 -5.36
CA GLU E 417 -25.60 2.22 -5.80
C GLU E 417 -24.91 1.79 -7.09
N VAL E 418 -24.19 2.72 -7.69
CA VAL E 418 -23.37 2.46 -8.86
C VAL E 418 -21.94 2.80 -8.50
N GLU E 419 -21.03 1.86 -8.75
CA GLU E 419 -19.65 1.99 -8.29
C GLU E 419 -18.64 2.08 -9.42
N GLY E 420 -18.73 1.23 -10.43
CA GLY E 420 -17.77 1.28 -11.52
C GLY E 420 -17.39 -0.07 -12.10
N ARG E 421 -16.09 -0.29 -12.29
CA ARG E 421 -15.62 -1.47 -13.01
C ARG E 421 -15.94 -2.76 -12.25
N ILE E 422 -15.75 -2.76 -10.93
CA ILE E 422 -15.94 -4.00 -10.18
C ILE E 422 -17.41 -4.39 -10.13
N GLN E 423 -18.31 -3.42 -9.95
CA GLN E 423 -19.73 -3.73 -9.95
C GLN E 423 -20.19 -4.22 -11.32
N ASP E 424 -19.69 -3.59 -12.39
CA ASP E 424 -20.02 -4.06 -13.73
C ASP E 424 -19.50 -5.48 -13.95
N LEU E 425 -18.31 -5.79 -13.42
CA LEU E 425 -17.77 -7.14 -13.54
C LEU E 425 -18.66 -8.16 -12.83
N GLU E 426 -19.09 -7.85 -11.61
CA GLU E 426 -19.88 -8.82 -10.87
C GLU E 426 -21.33 -8.87 -11.34
N LYS E 427 -21.80 -7.85 -12.06
CA LYS E 427 -23.08 -7.99 -12.77
C LYS E 427 -22.91 -8.82 -14.03
N TYR E 428 -21.80 -8.63 -14.75
CA TYR E 428 -21.59 -9.34 -16.00
C TYR E 428 -21.34 -10.83 -15.78
N VAL E 429 -20.67 -11.19 -14.69
CA VAL E 429 -20.45 -12.61 -14.44
C VAL E 429 -21.78 -13.32 -14.17
N GLU E 430 -22.66 -12.69 -13.40
CA GLU E 430 -23.97 -13.28 -13.16
C GLU E 430 -24.80 -13.33 -14.43
N ASP E 431 -24.72 -12.28 -15.25
CA ASP E 431 -25.39 -12.30 -16.55
C ASP E 431 -24.91 -13.47 -17.39
N THR E 432 -23.60 -13.71 -17.40
CA THR E 432 -23.04 -14.83 -18.16
C THR E 432 -23.54 -16.16 -17.62
N LYS E 433 -23.57 -16.31 -16.29
CA LYS E 433 -24.06 -17.54 -15.69
C LYS E 433 -25.52 -17.78 -16.05
N ILE E 434 -26.33 -16.73 -16.04
CA ILE E 434 -27.74 -16.87 -16.38
C ILE E 434 -27.89 -17.23 -17.85
N ASP E 435 -27.17 -16.55 -18.73
CA ASP E 435 -27.27 -16.83 -20.16
C ASP E 435 -26.74 -18.21 -20.51
N LEU E 436 -25.88 -18.79 -19.67
CA LEU E 436 -25.42 -20.15 -19.93
C LEU E 436 -26.33 -21.21 -19.33
N TRP E 437 -26.84 -20.98 -18.11
CA TRP E 437 -27.72 -21.97 -17.49
C TRP E 437 -29.09 -21.98 -18.13
N SER E 438 -29.55 -20.84 -18.66
CA SER E 438 -30.78 -20.83 -19.44
C SER E 438 -30.63 -21.64 -20.71
N TYR E 439 -29.45 -21.59 -21.34
CA TYR E 439 -29.21 -22.38 -22.55
C TYR E 439 -29.05 -23.85 -22.22
N ASN E 440 -28.47 -24.17 -21.06
CA ASN E 440 -28.32 -25.58 -20.69
C ASN E 440 -29.67 -26.26 -20.49
N ALA E 441 -30.62 -25.55 -19.87
CA ALA E 441 -31.94 -26.12 -19.60
C ALA E 441 -32.69 -26.41 -20.89
#